data_3L1Q
# 
_entry.id   3L1Q 
# 
_audit_conform.dict_name       mmcif_pdbx.dic 
_audit_conform.dict_version    5.380 
_audit_conform.dict_location   http://mmcif.pdb.org/dictionaries/ascii/mmcif_pdbx.dic 
# 
loop_
_database_2.database_id 
_database_2.database_code 
_database_2.pdbx_database_accession 
_database_2.pdbx_DOI 
PDB   3L1Q         pdb_00003l1q 10.2210/pdb3l1q/pdb 
NDB   NA0392       ?            ?                   
RCSB  RCSB056722   ?            ?                   
WWPDB D_1000056722 ?            ?                   
# 
_pdbx_database_PDB_obs_spr.id               SPRSDE 
_pdbx_database_PDB_obs_spr.date             2010-10-27 
_pdbx_database_PDB_obs_spr.pdb_id           3L1Q 
_pdbx_database_PDB_obs_spr.replace_pdb_id   1K71 
_pdbx_database_PDB_obs_spr.details          ? 
# 
loop_
_pdbx_database_related.db_name 
_pdbx_database_related.db_id 
_pdbx_database_related.details 
_pdbx_database_related.content_type 
PDB 208D 'HIGH-RESOLUTION STRUCTURE OF A DNA HELIX FORMING (C.G)*G BASE TRIPLETS'          unspecified 
PDB 272D 'PARALLEL AND ANTIPARALLEL (G.GC)2 TRIPLE HELIX FRAGMENTS IN A CRYSTAL STRUCTURE' unspecified 
PDB 431D 'B-DNA AT ATOMIC RESOLUTION REVEALS EXTENDED HYDRATION PATTERNS'                  unspecified 
# 
_pdbx_database_status.status_code                     REL 
_pdbx_database_status.entry_id                        3L1Q 
_pdbx_database_status.recvd_initial_deposition_date   2009-12-14 
_pdbx_database_status.deposit_site                    RCSB 
_pdbx_database_status.process_site                    PDBJ 
_pdbx_database_status.status_code_sf                  REL 
_pdbx_database_status.status_code_mr                  ? 
_pdbx_database_status.SG_entry                        ? 
_pdbx_database_status.status_code_cs                  ? 
_pdbx_database_status.pdb_format_compatible           Y 
_pdbx_database_status.status_code_nmr_data            ? 
_pdbx_database_status.methods_development_category    ? 
# 
_audit_author.name           'Van Hecke, K.' 
_audit_author.pdbx_ordinal   1 
# 
_citation.id                        primary 
_citation.title                     
'Designing Triple Helical Fragments: The Crystal Structure of the Undecamer d(TGGCCTTAAGG) Mimicking T&#183;AT Base Triplets' 
_citation.journal_abbrev            'Cryst.Growth Des.' 
_citation.journal_volume            10 
_citation.page_first                4622 
_citation.page_last                 4629 
_citation.year                      2010 
_citation.journal_id_ASTM           ? 
_citation.country                   US 
_citation.journal_id_ISSN           1528-7483 
_citation.journal_id_CSD            ? 
_citation.book_publisher            ? 
_citation.pdbx_database_id_PubMed   ? 
_citation.pdbx_database_id_DOI      10.1021/cg1009048 
# 
loop_
_citation_author.citation_id 
_citation_author.name 
_citation_author.ordinal 
_citation_author.identifier_ORCID 
primary 'Van Hecke, K.'    1 ? 
primary 'Uytterhoeven, K.' 2 ? 
primary 'Voet, A.'         3 ? 
primary 'De Maeyer, M.'    4 ? 
primary 'Van Meervelt, L.' 5 ? 
# 
_cell.entry_id           3L1Q 
_cell.length_a           27.050 
_cell.length_b           41.070 
_cell.length_c           52.570 
_cell.angle_alpha        90.00 
_cell.angle_beta         90.00 
_cell.angle_gamma        90.00 
_cell.Z_PDB              8 
_cell.pdbx_unique_axis   ? 
_cell.length_a_esd       ? 
_cell.length_b_esd       ? 
_cell.length_c_esd       ? 
_cell.angle_alpha_esd    ? 
_cell.angle_beta_esd     ? 
_cell.angle_gamma_esd    ? 
# 
_symmetry.entry_id                         3L1Q 
_symmetry.space_group_name_H-M             'P 21 21 21' 
_symmetry.pdbx_full_space_group_name_H-M   ? 
_symmetry.cell_setting                     ? 
_symmetry.Int_Tables_number                19 
_symmetry.space_group_name_Hall            ? 
# 
loop_
_entity.id 
_entity.type 
_entity.src_method 
_entity.pdbx_description 
_entity.formula_weight 
_entity.pdbx_number_of_molecules 
_entity.pdbx_ec 
_entity.pdbx_mutation 
_entity.pdbx_fragment 
_entity.details 
1 polymer syn "5'-D(*TP*GP*GP*CP*CP*TP*TP*AP*AP*GP*G)-3'" 3389.221 2  ? ? ? ? 
2 water   nat water                                       18.015   44 ? ? ? ? 
# 
_entity_poly.entity_id                      1 
_entity_poly.type                           polydeoxyribonucleotide 
_entity_poly.nstd_linkage                   no 
_entity_poly.nstd_monomer                   no 
_entity_poly.pdbx_seq_one_letter_code       '(DT)(DG)(DG)(DC)(DC)(DT)(DT)(DA)(DA)(DG)(DG)' 
_entity_poly.pdbx_seq_one_letter_code_can   TGGCCTTAAGG 
_entity_poly.pdbx_strand_id                 A,B 
_entity_poly.pdbx_target_identifier         ? 
# 
loop_
_entity_poly_seq.entity_id 
_entity_poly_seq.num 
_entity_poly_seq.mon_id 
_entity_poly_seq.hetero 
1 1  DT n 
1 2  DG n 
1 3  DG n 
1 4  DC n 
1 5  DC n 
1 6  DT n 
1 7  DT n 
1 8  DA n 
1 9  DA n 
1 10 DG n 
1 11 DG n 
# 
_pdbx_entity_src_syn.entity_id              1 
_pdbx_entity_src_syn.pdbx_src_id            1 
_pdbx_entity_src_syn.pdbx_alt_source_flag   sample 
_pdbx_entity_src_syn.pdbx_beg_seq_num       ? 
_pdbx_entity_src_syn.pdbx_end_seq_num       ? 
_pdbx_entity_src_syn.organism_scientific    ? 
_pdbx_entity_src_syn.organism_common_name   ? 
_pdbx_entity_src_syn.ncbi_taxonomy_id       ? 
_pdbx_entity_src_syn.details                
'THE OLIGONUCLEOTIDE WAS PURCHASED FROM OSWEL DNA SERVICE (UNIVERSITY OF SOUTHAMPTON, UK)' 
# 
_struct_ref.id                         1 
_struct_ref.db_name                    PDB 
_struct_ref.db_code                    3L1Q 
_struct_ref.pdbx_db_accession          3L1Q 
_struct_ref.entity_id                  1 
_struct_ref.pdbx_align_begin           ? 
_struct_ref.pdbx_seq_one_letter_code   TGGCCTTAAGG 
_struct_ref.pdbx_db_isoform            ? 
# 
loop_
_struct_ref_seq.align_id 
_struct_ref_seq.ref_id 
_struct_ref_seq.pdbx_PDB_id_code 
_struct_ref_seq.pdbx_strand_id 
_struct_ref_seq.seq_align_beg 
_struct_ref_seq.pdbx_seq_align_beg_ins_code 
_struct_ref_seq.seq_align_end 
_struct_ref_seq.pdbx_seq_align_end_ins_code 
_struct_ref_seq.pdbx_db_accession 
_struct_ref_seq.db_align_beg 
_struct_ref_seq.pdbx_db_align_beg_ins_code 
_struct_ref_seq.db_align_end 
_struct_ref_seq.pdbx_db_align_end_ins_code 
_struct_ref_seq.pdbx_auth_seq_align_beg 
_struct_ref_seq.pdbx_auth_seq_align_end 
1 1 3L1Q A 1 ? 11 ? 3L1Q 0  ? 10 ? 0  10 
2 1 3L1Q B 1 ? 11 ? 3L1Q 20 ? 30 ? 20 30 
# 
loop_
_chem_comp.id 
_chem_comp.type 
_chem_comp.mon_nstd_flag 
_chem_comp.name 
_chem_comp.pdbx_synonyms 
_chem_comp.formula 
_chem_comp.formula_weight 
DA  'DNA linking' y "2'-DEOXYADENOSINE-5'-MONOPHOSPHATE" ? 'C10 H14 N5 O6 P' 331.222 
DC  'DNA linking' y "2'-DEOXYCYTIDINE-5'-MONOPHOSPHATE"  ? 'C9 H14 N3 O7 P'  307.197 
DG  'DNA linking' y "2'-DEOXYGUANOSINE-5'-MONOPHOSPHATE" ? 'C10 H14 N5 O7 P' 347.221 
DT  'DNA linking' y "THYMIDINE-5'-MONOPHOSPHATE"         ? 'C10 H15 N2 O8 P' 322.208 
HOH non-polymer   . WATER                                ? 'H2 O'            18.015  
# 
_exptl.entry_id          3L1Q 
_exptl.method            'X-RAY DIFFRACTION' 
_exptl.crystals_number   1 
# 
_exptl_crystal.id                    1 
_exptl_crystal.density_meas          ? 
_exptl_crystal.density_Matthews      2.15 
_exptl_crystal.density_percent_sol   42.90 
_exptl_crystal.description           ? 
_exptl_crystal.F_000                 ? 
_exptl_crystal.preparation           ? 
# 
_exptl_crystal_grow.crystal_id      1 
_exptl_crystal_grow.method          'VAPOR DIFFUSION, SITTING DROP' 
_exptl_crystal_grow.temp            289 
_exptl_crystal_grow.temp_details    ? 
_exptl_crystal_grow.pH              6.0 
_exptl_crystal_grow.pdbx_details    
'21.1mM sodium cacodylate, 47.4mM magnesium chloride, 21.1% MPD, pH 6.0, VAPOR DIFFUSION, SITTING DROP, temperature 289K' 
_exptl_crystal_grow.pdbx_pH_range   . 
# 
_diffrn.id                     1 
_diffrn.ambient_temp           100.0 
_diffrn.ambient_temp_details   ? 
_diffrn.crystal_id             1 
# 
_diffrn_detector.diffrn_id              1 
_diffrn_detector.detector               'IMAGE PLATE' 
_diffrn_detector.type                   'MAR scanner 345 mm plate' 
_diffrn_detector.pdbx_collection_date   2001-04-04 
_diffrn_detector.details                ? 
# 
_diffrn_radiation.diffrn_id                        1 
_diffrn_radiation.wavelength_id                    1 
_diffrn_radiation.pdbx_monochromatic_or_laue_m_l   M 
_diffrn_radiation.monochromator                    'Si 111 horizontally focusing' 
_diffrn_radiation.pdbx_diffrn_protocol             'SINGLE WAVELENGTH' 
_diffrn_radiation.pdbx_scattering_type             x-ray 
# 
_diffrn_radiation_wavelength.id           1 
_diffrn_radiation_wavelength.wavelength   1.2000 
_diffrn_radiation_wavelength.wt           1.0 
# 
_diffrn_source.diffrn_id                   1 
_diffrn_source.source                      SYNCHROTRON 
_diffrn_source.type                        'EMBL/DESY, HAMBURG BEAMLINE X31' 
_diffrn_source.pdbx_synchrotron_site       'EMBL/DESY, HAMBURG' 
_diffrn_source.pdbx_synchrotron_beamline   X31 
_diffrn_source.pdbx_wavelength             ? 
_diffrn_source.pdbx_wavelength_list        1.2000 
# 
_reflns.entry_id                     3L1Q 
_reflns.observed_criterion_sigma_I   ? 
_reflns.observed_criterion_sigma_F   ? 
_reflns.d_resolution_low             32.4 
_reflns.d_resolution_high            2.5 
_reflns.number_obs                   2203 
_reflns.number_all                   ? 
_reflns.percent_possible_obs         98.5 
_reflns.pdbx_Rmerge_I_obs            0.056 
_reflns.pdbx_Rsym_value              ? 
_reflns.pdbx_netI_over_sigmaI        14.9 
_reflns.B_iso_Wilson_estimate        86.8 
_reflns.pdbx_redundancy              3.1 
_reflns.R_free_details               ? 
_reflns.limit_h_max                  ? 
_reflns.limit_h_min                  ? 
_reflns.limit_k_max                  ? 
_reflns.limit_k_min                  ? 
_reflns.limit_l_max                  ? 
_reflns.limit_l_min                  ? 
_reflns.observed_criterion_F_max     ? 
_reflns.observed_criterion_F_min     ? 
_reflns.pdbx_chi_squared             ? 
_reflns.pdbx_scaling_rejects         ? 
_reflns.pdbx_diffrn_id               1 
_reflns.pdbx_ordinal                 1 
# 
_reflns_shell.d_res_high             2.50 
_reflns_shell.d_res_low              2.64 
_reflns_shell.percent_possible_all   98.1 
_reflns_shell.Rmerge_I_obs           0.583 
_reflns_shell.pdbx_Rsym_value        ? 
_reflns_shell.meanI_over_sigI_obs    1.8 
_reflns_shell.pdbx_redundancy        3.2 
_reflns_shell.percent_possible_obs   ? 
_reflns_shell.number_unique_all      307 
_reflns_shell.number_measured_all    ? 
_reflns_shell.number_measured_obs    ? 
_reflns_shell.number_unique_obs      ? 
_reflns_shell.pdbx_chi_squared       ? 
_reflns_shell.pdbx_diffrn_id         ? 
_reflns_shell.pdbx_ordinal           1 
# 
_refine.entry_id                                 3L1Q 
_refine.ls_number_reflns_obs                     2192 
_refine.ls_number_reflns_all                     2192 
_refine.pdbx_ls_sigma_I                          ? 
_refine.pdbx_ls_sigma_F                          0.00 
_refine.pdbx_data_cutoff_high_absF               ? 
_refine.pdbx_data_cutoff_low_absF                ? 
_refine.pdbx_data_cutoff_high_rms_absF           ? 
_refine.ls_d_res_low                             20.76 
_refine.ls_d_res_high                            2.50 
_refine.ls_percent_reflns_obs                    97.73 
_refine.ls_R_factor_obs                          0.22325 
_refine.ls_R_factor_all                          ? 
_refine.ls_R_factor_R_work                       0.22325 
_refine.ls_R_factor_R_free                       ? 
_refine.ls_R_factor_R_free_error                 ? 
_refine.ls_R_factor_R_free_error_details         ? 
_refine.ls_percent_reflns_R_free                 ? 
_refine.ls_number_reflns_R_free                  ? 
_refine.ls_number_parameters                     ? 
_refine.ls_number_restraints                     ? 
_refine.correlation_coeff_Fo_to_Fc               0.955 
_refine.correlation_coeff_Fo_to_Fc_free          ? 
_refine.B_iso_mean                               50.199 
_refine.aniso_B[1][1]                            -1.720 
_refine.aniso_B[2][2]                            8.070 
_refine.aniso_B[3][3]                            -6.350 
_refine.aniso_B[1][2]                            0.000 
_refine.aniso_B[1][3]                            0.000 
_refine.aniso_B[2][3]                            0.000 
_refine.solvent_model_details                    MASK 
_refine.solvent_model_param_ksol                 ? 
_refine.solvent_model_param_bsol                 ? 
_refine.pdbx_solvent_vdw_probe_radii             1.40 
_refine.pdbx_solvent_ion_probe_radii             0.80 
_refine.pdbx_solvent_shrinkage_radii             0.80 
_refine.pdbx_ls_cross_valid_method               ? 
_refine.details                                  
;MAXIMUM LIKELIHOOD; in the final refinement cycles of the structure, no Rfree was used. Please see the details in the primary citation.
;
_refine.pdbx_starting_model                      'PDB ENTRY 431D' 
_refine.pdbx_method_to_determine_struct          'MOLECULAR REPLACEMENT' 
_refine.pdbx_isotropic_thermal_model             isotropic 
_refine.pdbx_stereochemistry_target_values       'Engh & Huber' 
_refine.pdbx_stereochem_target_val_spec_case     ? 
_refine.pdbx_R_Free_selection_details            RANDOM 
_refine.pdbx_overall_ESU_R                       0.851 
_refine.pdbx_overall_ESU_R_Free                  ? 
_refine.overall_SU_ML                            0.171 
_refine.overall_SU_B                             7.492 
_refine.ls_redundancy_reflns_obs                 ? 
_refine.overall_SU_R_Cruickshank_DPI             ? 
_refine.overall_SU_R_free                        ? 
_refine.ls_wR_factor_R_free                      ? 
_refine.ls_wR_factor_R_work                      ? 
_refine.overall_FOM_free_R_set                   ? 
_refine.overall_FOM_work_R_set                   ? 
_refine.B_iso_max                                86.26 
_refine.B_iso_min                                28.89 
_refine.occupancy_max                            1.00 
_refine.occupancy_min                            0.50 
_refine.pdbx_refine_id                           'X-RAY DIFFRACTION' 
_refine.pdbx_overall_phase_error                 ? 
_refine.pdbx_diffrn_id                           1 
_refine.pdbx_TLS_residual_ADP_flag               ? 
_refine.pdbx_overall_SU_R_free_Cruickshank_DPI   ? 
_refine.pdbx_overall_SU_R_Blow_DPI               ? 
_refine.pdbx_overall_SU_R_free_Blow_DPI          ? 
# 
_refine_hist.pdbx_refine_id                   'X-RAY DIFFRACTION' 
_refine_hist.cycle_id                         LAST 
_refine_hist.pdbx_number_atoms_protein        0 
_refine_hist.pdbx_number_atoms_nucleic_acid   450 
_refine_hist.pdbx_number_atoms_ligand         0 
_refine_hist.number_atoms_solvent             44 
_refine_hist.number_atoms_total               494 
_refine_hist.d_res_high                       2.50 
_refine_hist.d_res_low                        20.76 
# 
loop_
_refine_ls_restr.type 
_refine_ls_restr.dev_ideal 
_refine_ls_restr.dev_ideal_target 
_refine_ls_restr.weight 
_refine_ls_restr.number 
_refine_ls_restr.pdbx_refine_id 
_refine_ls_restr.pdbx_restraint_function 
r_bond_refined_d     0.016 0.021 ? 508 'X-RAY DIFFRACTION' ? 
r_angle_refined_deg  2.818 3.000 ? 776 'X-RAY DIFFRACTION' ? 
r_chiral_restr       0.111 0.200 ? 86  'X-RAY DIFFRACTION' ? 
r_gen_planes_refined 0.011 0.020 ? 236 'X-RAY DIFFRACTION' ? 
r_scbond_it          2.337 3.000 ? 458 'X-RAY DIFFRACTION' ? 
r_scangle_it         3.559 4.500 ? 705 'X-RAY DIFFRACTION' ? 
# 
_refine_ls_shell.pdbx_total_number_of_bins_used   20 
_refine_ls_shell.d_res_high                       2.500 
_refine_ls_shell.d_res_low                        2.565 
_refine_ls_shell.number_reflns_R_work             162 
_refine_ls_shell.R_factor_R_work                  0.407 
_refine_ls_shell.percent_reflns_obs               99.39 
_refine_ls_shell.R_factor_R_free                  ? 
_refine_ls_shell.R_factor_R_free_error            ? 
_refine_ls_shell.percent_reflns_R_free            ? 
_refine_ls_shell.number_reflns_R_free             0 
_refine_ls_shell.number_reflns_all                ? 
_refine_ls_shell.R_factor_all                     ? 
_refine_ls_shell.number_reflns_obs                162 
_refine_ls_shell.redundancy_reflns_obs            ? 
_refine_ls_shell.pdbx_refine_id                   'X-RAY DIFFRACTION' 
# 
_struct.entry_id                  3L1Q 
_struct.title                     'The crystal structure of the undecamer d(TGGCCTTAAGG)' 
_struct.pdbx_model_details        ? 
_struct.pdbx_CASP_flag            ? 
_struct.pdbx_model_type_details   ? 
# 
_struct_keywords.entry_id        3L1Q 
_struct_keywords.pdbx_keywords   DNA 
_struct_keywords.text            'triple helix, triplet, Hoogsteen, reverse-Hoogsteen, DNA' 
# 
loop_
_struct_asym.id 
_struct_asym.pdbx_blank_PDB_chainid_flag 
_struct_asym.pdbx_modified 
_struct_asym.entity_id 
_struct_asym.details 
A N N 1 ? 
B N N 1 ? 
C N N 2 ? 
D N N 2 ? 
# 
_struct_biol.id        1 
_struct_biol.details   ? 
# 
loop_
_struct_conn.id 
_struct_conn.conn_type_id 
_struct_conn.pdbx_leaving_atom_flag 
_struct_conn.pdbx_PDB_id 
_struct_conn.ptnr1_label_asym_id 
_struct_conn.ptnr1_label_comp_id 
_struct_conn.ptnr1_label_seq_id 
_struct_conn.ptnr1_label_atom_id 
_struct_conn.pdbx_ptnr1_label_alt_id 
_struct_conn.pdbx_ptnr1_PDB_ins_code 
_struct_conn.pdbx_ptnr1_standard_comp_id 
_struct_conn.ptnr1_symmetry 
_struct_conn.ptnr2_label_asym_id 
_struct_conn.ptnr2_label_comp_id 
_struct_conn.ptnr2_label_seq_id 
_struct_conn.ptnr2_label_atom_id 
_struct_conn.pdbx_ptnr2_label_alt_id 
_struct_conn.pdbx_ptnr2_PDB_ins_code 
_struct_conn.ptnr1_auth_asym_id 
_struct_conn.ptnr1_auth_comp_id 
_struct_conn.ptnr1_auth_seq_id 
_struct_conn.ptnr2_auth_asym_id 
_struct_conn.ptnr2_auth_comp_id 
_struct_conn.ptnr2_auth_seq_id 
_struct_conn.ptnr2_symmetry 
_struct_conn.pdbx_ptnr3_label_atom_id 
_struct_conn.pdbx_ptnr3_label_seq_id 
_struct_conn.pdbx_ptnr3_label_comp_id 
_struct_conn.pdbx_ptnr3_label_asym_id 
_struct_conn.pdbx_ptnr3_label_alt_id 
_struct_conn.pdbx_ptnr3_PDB_ins_code 
_struct_conn.details 
_struct_conn.pdbx_dist_value 
_struct_conn.pdbx_value_order 
_struct_conn.pdbx_role 
hydrog1  hydrog ? ? A DC 4  N3 ? ? ? 1_555 B DG 11 N1 ? ? A DC 3  B DG 30 1_555 ? ? ? ? ? ? WATSON-CRICK ? ? ? 
hydrog2  hydrog ? ? A DC 4  N4 ? ? ? 1_555 B DG 11 O6 ? ? A DC 3  B DG 30 1_555 ? ? ? ? ? ? WATSON-CRICK ? ? ? 
hydrog3  hydrog ? ? A DC 4  O2 ? ? ? 1_555 B DG 11 N2 ? ? A DC 3  B DG 30 1_555 ? ? ? ? ? ? WATSON-CRICK ? ? ? 
hydrog4  hydrog ? ? A DC 5  N3 ? ? ? 1_555 B DG 10 N1 ? ? A DC 4  B DG 29 1_555 ? ? ? ? ? ? WATSON-CRICK ? ? ? 
hydrog5  hydrog ? ? A DC 5  N4 ? ? ? 1_555 B DG 10 O6 ? ? A DC 4  B DG 29 1_555 ? ? ? ? ? ? WATSON-CRICK ? ? ? 
hydrog6  hydrog ? ? A DC 5  O2 ? ? ? 1_555 B DG 10 N2 ? ? A DC 4  B DG 29 1_555 ? ? ? ? ? ? WATSON-CRICK ? ? ? 
hydrog7  hydrog ? ? A DT 6  N3 ? ? ? 1_555 B DA 9  N1 ? ? A DT 5  B DA 28 1_555 ? ? ? ? ? ? WATSON-CRICK ? ? ? 
hydrog8  hydrog ? ? A DT 6  O4 ? ? ? 1_555 B DA 9  N6 ? ? A DT 5  B DA 28 1_555 ? ? ? ? ? ? WATSON-CRICK ? ? ? 
hydrog9  hydrog ? ? A DT 7  N3 ? ? ? 1_555 B DA 8  N1 ? ? A DT 6  B DA 27 1_555 ? ? ? ? ? ? WATSON-CRICK ? ? ? 
hydrog10 hydrog ? ? A DT 7  O4 ? ? ? 1_555 B DA 8  N6 ? ? A DT 6  B DA 27 1_555 ? ? ? ? ? ? WATSON-CRICK ? ? ? 
hydrog11 hydrog ? ? A DA 8  N1 ? ? ? 1_555 B DT 7  N3 ? ? A DA 7  B DT 26 1_555 ? ? ? ? ? ? WATSON-CRICK ? ? ? 
hydrog12 hydrog ? ? A DA 8  N6 ? ? ? 1_555 B DT 7  O4 ? ? A DA 7  B DT 26 1_555 ? ? ? ? ? ? WATSON-CRICK ? ? ? 
hydrog13 hydrog ? ? A DA 9  N1 ? ? ? 1_555 B DT 6  N3 ? ? A DA 8  B DT 25 1_555 ? ? ? ? ? ? WATSON-CRICK ? ? ? 
hydrog14 hydrog ? ? A DA 9  N6 ? ? ? 1_555 B DT 6  O4 ? ? A DA 8  B DT 25 1_555 ? ? ? ? ? ? WATSON-CRICK ? ? ? 
hydrog15 hydrog ? ? A DG 10 N1 ? ? ? 1_555 B DC 5  N3 ? ? A DG 9  B DC 24 1_555 ? ? ? ? ? ? WATSON-CRICK ? ? ? 
hydrog16 hydrog ? ? A DG 10 N2 ? ? ? 1_555 B DC 5  O2 ? ? A DG 9  B DC 24 1_555 ? ? ? ? ? ? WATSON-CRICK ? ? ? 
hydrog17 hydrog ? ? A DG 10 O6 ? ? ? 1_555 B DC 5  N4 ? ? A DG 9  B DC 24 1_555 ? ? ? ? ? ? WATSON-CRICK ? ? ? 
hydrog18 hydrog ? ? A DG 11 N1 ? ? ? 1_555 B DC 4  N3 ? ? A DG 10 B DC 23 1_555 ? ? ? ? ? ? WATSON-CRICK ? ? ? 
hydrog19 hydrog ? ? A DG 11 N2 ? ? ? 1_555 B DC 4  O2 ? ? A DG 10 B DC 23 1_555 ? ? ? ? ? ? WATSON-CRICK ? ? ? 
hydrog20 hydrog ? ? A DG 11 O6 ? ? ? 1_555 B DC 4  N4 ? ? A DG 10 B DC 23 1_555 ? ? ? ? ? ? WATSON-CRICK ? ? ? 
# 
_struct_conn_type.id          hydrog 
_struct_conn_type.criteria    ? 
_struct_conn_type.reference   ? 
# 
_atom_sites.entry_id                    3L1Q 
_atom_sites.fract_transf_matrix[1][1]   0.00068505 
_atom_sites.fract_transf_matrix[1][2]   0.01611771 
_atom_sites.fract_transf_matrix[1][3]   0.03326345 
_atom_sites.fract_transf_matrix[2][1]   -0.00941236 
_atom_sites.fract_transf_matrix[2][2]   0.02028426 
_atom_sites.fract_transf_matrix[2][3]   -0.00963484 
_atom_sites.fract_transf_matrix[3][1]   -0.01753977 
_atom_sites.fract_transf_matrix[3][2]   -0.00647664 
_atom_sites.fract_transf_matrix[3][3]   0.00349946 
_atom_sites.fract_transf_vector[1]      -0.398056 
_atom_sites.fract_transf_vector[2]      -0.032152 
_atom_sites.fract_transf_vector[3]      0.216100 
# 
loop_
_atom_type.symbol 
C 
N 
O 
P 
# 
loop_
_atom_site.group_PDB 
_atom_site.id 
_atom_site.type_symbol 
_atom_site.label_atom_id 
_atom_site.label_alt_id 
_atom_site.label_comp_id 
_atom_site.label_asym_id 
_atom_site.label_entity_id 
_atom_site.label_seq_id 
_atom_site.pdbx_PDB_ins_code 
_atom_site.Cartn_x 
_atom_site.Cartn_y 
_atom_site.Cartn_z 
_atom_site.occupancy 
_atom_site.B_iso_or_equiv 
_atom_site.pdbx_formal_charge 
_atom_site.auth_seq_id 
_atom_site.auth_comp_id 
_atom_site.auth_asym_id 
_atom_site.auth_atom_id 
_atom_site.pdbx_PDB_model_num 
ATOM   1   O "O5'" . DT  A 1 1  ? -13.466 -17.537 -9.653  1.00 50.08 ? 0  DT  A "O5'" 1 
ATOM   2   C "C5'" . DT  A 1 1  ? -14.079 -16.877 -8.549  1.00 56.32 ? 0  DT  A "C5'" 1 
ATOM   3   C "C4'" . DT  A 1 1  ? -15.572 -16.717 -8.771  1.00 58.38 ? 0  DT  A "C4'" 1 
ATOM   4   O "O4'" . DT  A 1 1  ? -15.784 -16.914 -10.187 1.00 60.98 ? 0  DT  A "O4'" 1 
ATOM   5   C "C3'" . DT  A 1 1  ? -16.568 -17.719 -8.177  1.00 59.27 ? 0  DT  A "C3'" 1 
ATOM   6   O "O3'" . DT  A 1 1  ? -16.770 -17.712 -6.704  1.00 61.23 ? 0  DT  A "O3'" 1 
ATOM   7   C "C2'" . DT  A 1 1  ? -17.782 -17.348 -9.020  1.00 58.11 ? 0  DT  A "C2'" 1 
ATOM   8   C "C1'" . DT  A 1 1  ? -17.139 -17.202 -10.394 1.00 59.00 ? 0  DT  A "C1'" 1 
ATOM   9   N N1    . DT  A 1 1  ? -17.212 -18.390 -11.325 1.00 60.40 ? 0  DT  A N1    1 
ATOM   10  C C2    . DT  A 1 1  ? -17.843 -18.177 -12.531 1.00 60.37 ? 0  DT  A C2    1 
ATOM   11  O O2    . DT  A 1 1  ? -18.322 -17.103 -12.873 1.00 61.47 ? 0  DT  A O2    1 
ATOM   12  N N3    . DT  A 1 1  ? -17.894 -19.303 -13.328 1.00 60.49 ? 0  DT  A N3    1 
ATOM   13  C C4    . DT  A 1 1  ? -17.419 -20.604 -13.114 1.00 59.03 ? 0  DT  A C4    1 
ATOM   14  O O4    . DT  A 1 1  ? -17.550 -21.519 -13.959 1.00 57.77 ? 0  DT  A O4    1 
ATOM   15  C C5    . DT  A 1 1  ? -16.744 -20.764 -11.837 1.00 59.03 ? 0  DT  A C5    1 
ATOM   16  C C7    . DT  A 1 1  ? -16.163 -22.121 -11.473 1.00 58.90 ? 0  DT  A C7    1 
ATOM   17  C C6    . DT  A 1 1  ? -16.678 -19.663 -11.030 1.00 59.44 ? 0  DT  A C6    1 
ATOM   18  P P     . DG  A 1 2  ? -16.064 -18.745 -5.662  1.00 60.97 ? 1  DG  A P     1 
ATOM   19  O OP1   . DG  A 1 2  ? -16.222 -20.141 -6.183  1.00 61.13 ? 1  DG  A OP1   1 
ATOM   20  O OP2   . DG  A 1 2  ? -16.519 -18.407 -4.296  1.00 59.97 ? 1  DG  A OP2   1 
ATOM   21  O "O5'" . DG  A 1 2  ? -14.535 -18.332 -5.591  1.00 57.13 ? 1  DG  A "O5'" 1 
ATOM   22  C "C5'" . DG  A 1 2  ? -13.531 -19.283 -5.317  1.00 55.81 ? 1  DG  A "C5'" 1 
ATOM   23  C "C4'" . DG  A 1 2  ? -12.859 -19.064 -3.975  1.00 53.92 ? 1  DG  A "C4'" 1 
ATOM   24  O "O4'" . DG  A 1 2  ? -12.035 -20.207 -3.684  1.00 51.96 ? 1  DG  A "O4'" 1 
ATOM   25  C "C3'" . DG  A 1 2  ? -11.913 -17.892 -3.886  1.00 53.07 ? 1  DG  A "C3'" 1 
ATOM   26  O "O3'" . DG  A 1 2  ? -12.035 -17.378 -2.585  1.00 52.94 ? 1  DG  A "O3'" 1 
ATOM   27  C "C2'" . DG  A 1 2  ? -10.538 -18.493 -4.106  1.00 49.95 ? 1  DG  A "C2'" 1 
ATOM   28  C "C1'" . DG  A 1 2  ? -10.726 -19.793 -3.375  1.00 47.79 ? 1  DG  A "C1'" 1 
ATOM   29  N N9    . DG  A 1 2  ? -9.773  -20.798 -3.810  1.00 45.74 ? 1  DG  A N9    1 
ATOM   30  C C8    . DG  A 1 2  ? -9.346  -21.056 -5.092  1.00 43.56 ? 1  DG  A C8    1 
ATOM   31  N N7    . DG  A 1 2  ? -8.472  -21.989 -5.175  1.00 43.01 ? 1  DG  A N7    1 
ATOM   32  C C5    . DG  A 1 2  ? -8.321  -22.403 -3.861  1.00 44.03 ? 1  DG  A C5    1 
ATOM   33  C C6    . DG  A 1 2  ? -7.509  -23.428 -3.333  1.00 42.81 ? 1  DG  A C6    1 
ATOM   34  O O6    . DG  A 1 2  ? -6.758  -24.161 -3.981  1.00 44.87 ? 1  DG  A O6    1 
ATOM   35  N N1    . DG  A 1 2  ? -7.629  -23.542 -1.951  1.00 38.50 ? 1  DG  A N1    1 
ATOM   36  C C2    . DG  A 1 2  ? -8.451  -22.769 -1.192  1.00 41.54 ? 1  DG  A C2    1 
ATOM   37  N N2    . DG  A 1 2  ? -8.459  -23.005 0.115   1.00 40.11 ? 1  DG  A N2    1 
ATOM   38  N N3    . DG  A 1 2  ? -9.239  -21.807 -1.676  1.00 44.31 ? 1  DG  A N3    1 
ATOM   39  C C4    . DG  A 1 2  ? -9.113  -21.681 -3.010  1.00 43.76 ? 1  DG  A C4    1 
ATOM   40  P P     . DG  A 1 3  ? -12.250 -15.797 -2.409  1.00 53.58 ? 2  DG  A P     1 
ATOM   41  O OP1   . DG  A 1 3  ? -13.727 -15.561 -2.465  1.00 50.16 ? 2  DG  A OP1   1 
ATOM   42  O OP2   . DG  A 1 3  ? -11.247 -15.171 -3.321  1.00 48.93 ? 2  DG  A OP2   1 
ATOM   43  O "O5'" . DG  A 1 3  ? -11.805 -15.454 -0.897  1.00 49.79 ? 2  DG  A "O5'" 1 
ATOM   44  C "C5'" . DG  A 1 3  ? -11.821 -16.382 0.185   1.00 47.07 ? 2  DG  A "C5'" 1 
ATOM   45  C "C4'" . DG  A 1 3  ? -10.547 -16.225 1.022   1.00 43.81 ? 2  DG  A "C4'" 1 
ATOM   46  O "O4'" . DG  A 1 3  ? -9.633  -17.303 0.689   1.00 38.54 ? 2  DG  A "O4'" 1 
ATOM   47  C "C3'" . DG  A 1 3  ? -9.721  -14.940 0.856   1.00 44.53 ? 2  DG  A "C3'" 1 
ATOM   48  O "O3'" . DG  A 1 3  ? -9.074  -14.472 2.085   1.00 46.93 ? 2  DG  A "O3'" 1 
ATOM   49  C "C2'" . DG  A 1 3  ? -8.592  -15.347 -0.093  1.00 40.95 ? 2  DG  A "C2'" 1 
ATOM   50  C "C1'" . DG  A 1 3  ? -8.361  -16.786 0.379   1.00 35.75 ? 2  DG  A "C1'" 1 
ATOM   51  N N9    . DG  A 1 3  ? -7.731  -17.565 -0.696  1.00 34.27 ? 2  DG  A N9    1 
ATOM   52  C C8    . DG  A 1 3  ? -7.769  -17.323 -2.065  1.00 28.97 ? 2  DG  A C8    1 
ATOM   53  N N7    . DG  A 1 3  ? -7.068  -18.183 -2.729  1.00 31.37 ? 2  DG  A N7    1 
ATOM   54  C C5    . DG  A 1 3  ? -6.578  -19.069 -1.753  1.00 32.85 ? 2  DG  A C5    1 
ATOM   55  C C6    . DG  A 1 3  ? -5.782  -20.224 -1.863  1.00 34.57 ? 2  DG  A C6    1 
ATOM   56  O O6    . DG  A 1 3  ? -5.254  -20.750 -2.872  1.00 34.37 ? 2  DG  A O6    1 
ATOM   57  N N1    . DG  A 1 3  ? -5.522  -20.780 -0.613  1.00 34.59 ? 2  DG  A N1    1 
ATOM   58  C C2    . DG  A 1 3  ? -5.952  -20.358 0.601   1.00 33.38 ? 2  DG  A C2    1 
ATOM   59  N N2    . DG  A 1 3  ? -5.545  -21.113 1.672   1.00 29.99 ? 2  DG  A N2    1 
ATOM   60  N N3    . DG  A 1 3  ? -6.741  -19.309 0.699   1.00 28.89 ? 2  DG  A N3    1 
ATOM   61  C C4    . DG  A 1 3  ? -6.961  -18.705 -0.495  1.00 31.60 ? 2  DG  A C4    1 
ATOM   62  P P     . DC  A 1 4  ? -9.861  -13.656 3.199   1.00 48.09 ? 3  DC  A P     1 
ATOM   63  O OP1   . DC  A 1 4  ? -9.067  -13.895 4.398   1.00 47.79 ? 3  DC  A OP1   1 
ATOM   64  O OP2   . DC  A 1 4  ? -11.325 -13.960 3.141   1.00 47.78 ? 3  DC  A OP2   1 
ATOM   65  O "O5'" . DC  A 1 4  ? -9.747  -12.135 2.786   1.00 45.47 ? 3  DC  A "O5'" 1 
ATOM   66  C "C5'" . DC  A 1 4  ? -8.490  -11.603 2.572   1.00 42.31 ? 3  DC  A "C5'" 1 
ATOM   67  C "C4'" . DC  A 1 4  ? -8.735  -10.481 1.633   1.00 41.25 ? 3  DC  A "C4'" 1 
ATOM   68  O "O4'" . DC  A 1 4  ? -9.569  -9.436  2.188   1.00 40.55 ? 3  DC  A "O4'" 1 
ATOM   69  C "C3'" . DC  A 1 4  ? -7.422  -9.912  1.279   1.00 42.31 ? 3  DC  A "C3'" 1 
ATOM   70  O "O3'" . DC  A 1 4  ? -7.437  -10.203 -0.055  1.00 45.28 ? 3  DC  A "O3'" 1 
ATOM   71  C "C2'" . DC  A 1 4  ? -7.608  -8.425  1.459   1.00 40.48 ? 3  DC  A "C2'" 1 
ATOM   72  C "C1'" . DC  A 1 4  ? -9.088  -8.224  1.725   1.00 36.00 ? 3  DC  A "C1'" 1 
ATOM   73  N N1    . DC  A 1 4  ? -9.177  -7.225  2.775   1.00 35.17 ? 3  DC  A N1    1 
ATOM   74  C C2    . DC  A 1 4  ? -10.005 -6.096  2.568   1.00 35.18 ? 3  DC  A C2    1 
ATOM   75  O O2    . DC  A 1 4  ? -10.681 -5.973  1.530   1.00 30.63 ? 3  DC  A O2    1 
ATOM   76  N N3    . DC  A 1 4  ? -10.026 -5.163  3.556   1.00 34.60 ? 3  DC  A N3    1 
ATOM   77  C C4    . DC  A 1 4  ? -9.291  -5.303  4.670   1.00 36.95 ? 3  DC  A C4    1 
ATOM   78  N N4    . DC  A 1 4  ? -9.386  -4.318  5.571   1.00 34.92 ? 3  DC  A N4    1 
ATOM   79  C C5    . DC  A 1 4  ? -8.410  -6.430  4.902   1.00 34.83 ? 3  DC  A C5    1 
ATOM   80  C C6    . DC  A 1 4  ? -8.395  -7.338  3.920   1.00 35.84 ? 3  DC  A C6    1 
ATOM   81  P P     . DC  A 1 5  ? -6.121  -10.317 -0.946  1.00 48.30 ? 4  DC  A P     1 
ATOM   82  O OP1   . DC  A 1 5  ? -6.389  -11.556 -1.750  1.00 49.29 ? 4  DC  A OP1   1 
ATOM   83  O OP2   . DC  A 1 5  ? -4.860  -10.237 -0.162  1.00 48.05 ? 4  DC  A OP2   1 
ATOM   84  O "O5'" . DC  A 1 5  ? -6.280  -9.008  -1.857  1.00 38.81 ? 4  DC  A "O5'" 1 
ATOM   85  C "C5'" . DC  A 1 5  ? -7.470  -8.777  -2.579  1.00 37.80 ? 4  DC  A "C5'" 1 
ATOM   86  C "C4'" . DC  A 1 5  ? -7.559  -7.279  -2.897  1.00 39.84 ? 4  DC  A "C4'" 1 
ATOM   87  O "O4'" . DC  A 1 5  ? -7.855  -6.547  -1.690  1.00 36.33 ? 4  DC  A "O4'" 1 
ATOM   88  C "C3'" . DC  A 1 5  ? -6.239  -6.672  -3.404  1.00 45.38 ? 4  DC  A "C3'" 1 
ATOM   89  O "O3'" . DC  A 1 5  ? -6.490  -5.750  -4.467  1.00 52.32 ? 4  DC  A "O3'" 1 
ATOM   90  C "C2'" . DC  A 1 5  ? -5.617  -5.994  -2.193  1.00 39.89 ? 4  DC  A "C2'" 1 
ATOM   91  C "C1'" . DC  A 1 5  ? -6.904  -5.512  -1.529  1.00 38.01 ? 4  DC  A "C1'" 1 
ATOM   92  N N1    . DC  A 1 5  ? -6.804  -4.950  -0.103  1.00 37.46 ? 4  DC  A N1    1 
ATOM   93  C C2    . DC  A 1 5  ? -7.548  -3.797  0.215   1.00 38.19 ? 4  DC  A C2    1 
ATOM   94  O O2    . DC  A 1 5  ? -8.308  -3.324  -0.655  1.00 35.12 ? 4  DC  A O2    1 
ATOM   95  N N3    . DC  A 1 5  ? -7.439  -3.297  1.497   1.00 39.99 ? 4  DC  A N3    1 
ATOM   96  C C4    . DC  A 1 5  ? -6.627  -3.915  2.401   1.00 40.48 ? 4  DC  A C4    1 
ATOM   97  N N4    . DC  A 1 5  ? -6.497  -3.445  3.627   1.00 41.11 ? 4  DC  A N4    1 
ATOM   98  C C5    . DC  A 1 5  ? -5.851  -5.055  2.077   1.00 40.14 ? 4  DC  A C5    1 
ATOM   99  C C6    . DC  A 1 5  ? -5.964  -5.522  0.828   1.00 37.20 ? 4  DC  A C6    1 
ATOM   100 P P     . DT  A 1 6  ? -5.341  -5.067  -5.369  1.00 54.90 ? 5  DT  A P     1 
ATOM   101 O OP1   . DT  A 1 6  ? -5.679  -5.476  -6.745  1.00 52.59 ? 5  DT  A OP1   1 
ATOM   102 O OP2   . DT  A 1 6  ? -3.986  -5.261  -4.792  1.00 51.75 ? 5  DT  A OP2   1 
ATOM   103 O "O5'" . DT  A 1 6  ? -5.671  -3.509  -5.248  1.00 53.81 ? 5  DT  A "O5'" 1 
ATOM   104 C "C5'" . DT  A 1 6  ? -6.941  -3.014  -4.843  1.00 54.19 ? 5  DT  A "C5'" 1 
ATOM   105 C "C4'" . DT  A 1 6  ? -6.772  -1.535  -4.486  1.00 53.19 ? 5  DT  A "C4'" 1 
ATOM   106 O "O4'" . DT  A 1 6  ? -6.704  -1.258  -3.044  1.00 50.01 ? 5  DT  A "O4'" 1 
ATOM   107 C "C3'" . DT  A 1 6  ? -5.581  -0.857  -5.154  1.00 51.41 ? 5  DT  A "C3'" 1 
ATOM   108 O "O3'" . DT  A 1 6  ? -6.082  0.395   -5.681  1.00 54.39 ? 5  DT  A "O3'" 1 
ATOM   109 C "C2'" . DT  A 1 6  ? -4.559  -0.732  -4.033  1.00 49.45 ? 5  DT  A "C2'" 1 
ATOM   110 C "C1'" . DT  A 1 6  ? -5.449  -0.673  -2.761  1.00 49.04 ? 5  DT  A "C1'" 1 
ATOM   111 N N1    . DT  A 1 6  ? -4.840  -1.248  -1.461  1.00 44.30 ? 5  DT  A N1    1 
ATOM   112 C C2    . DT  A 1 6  ? -5.041  -0.589  -0.249  1.00 41.93 ? 5  DT  A C2    1 
ATOM   113 O O2    . DT  A 1 6  ? -5.714  0.420   -0.100  1.00 38.04 ? 5  DT  A O2    1 
ATOM   114 N N3    . DT  A 1 6  ? -4.414  -1.157  0.842   1.00 41.27 ? 5  DT  A N3    1 
ATOM   115 C C4    . DT  A 1 6  ? -3.626  -2.289  0.874   1.00 44.19 ? 5  DT  A C4    1 
ATOM   116 O O4    . DT  A 1 6  ? -3.164  -2.705  1.943   1.00 45.16 ? 5  DT  A O4    1 
ATOM   117 C C5    . DT  A 1 6  ? -3.439  -2.921  -0.441  1.00 44.73 ? 5  DT  A C5    1 
ATOM   118 C C7    . DT  A 1 6  ? -2.623  -4.147  -0.611  1.00 43.56 ? 5  DT  A C7    1 
ATOM   119 C C6    . DT  A 1 6  ? -4.036  -2.380  -1.525  1.00 42.98 ? 5  DT  A C6    1 
ATOM   120 P P     . DT  A 1 7  ? -5.184  1.439   -6.499  1.00 53.78 ? 6  DT  A P     1 
ATOM   121 O OP1   . DT  A 1 7  ? -6.103  1.971   -7.537  1.00 55.64 ? 6  DT  A OP1   1 
ATOM   122 O OP2   . DT  A 1 7  ? -3.828  0.883   -6.758  1.00 48.90 ? 6  DT  A OP2   1 
ATOM   123 O "O5'" . DT  A 1 7  ? -4.905  2.597   -5.427  1.00 54.46 ? 6  DT  A "O5'" 1 
ATOM   124 C "C5'" . DT  A 1 7  ? -5.974  3.200   -4.681  1.00 55.94 ? 6  DT  A "C5'" 1 
ATOM   125 C "C4'" . DT  A 1 7  ? -5.482  4.253   -3.693  1.00 52.20 ? 6  DT  A "C4'" 1 
ATOM   126 O "O4'" . DT  A 1 7  ? -4.931  3.573   -2.542  1.00 53.22 ? 6  DT  A "O4'" 1 
ATOM   127 C "C3'" . DT  A 1 7  ? -4.383  5.182   -4.211  1.00 54.00 ? 6  DT  A "C3'" 1 
ATOM   128 O "O3'" . DT  A 1 7  ? -4.755  6.566   -3.862  1.00 52.74 ? 6  DT  A "O3'" 1 
ATOM   129 C "C2'" . DT  A 1 7  ? -3.075  4.628   -3.600  1.00 53.01 ? 6  DT  A "C2'" 1 
ATOM   130 C "C1'" . DT  A 1 7  ? -3.609  4.052   -2.277  1.00 53.61 ? 6  DT  A "C1'" 1 
ATOM   131 N N1    . DT  A 1 7  ? -2.913  2.900   -1.604  1.00 49.90 ? 6  DT  A N1    1 
ATOM   132 C C2    . DT  A 1 7  ? -3.004  2.786   -0.206  1.00 49.41 ? 6  DT  A C2    1 
ATOM   133 O O2    . DT  A 1 7  ? -3.585  3.547   0.567   1.00 50.19 ? 6  DT  A O2    1 
ATOM   134 N N3    . DT  A 1 7  ? -2.355  1.702   0.311   1.00 48.55 ? 6  DT  A N3    1 
ATOM   135 C C4    . DT  A 1 7  ? -1.669  0.724   -0.373  1.00 47.87 ? 6  DT  A C4    1 
ATOM   136 O O4    . DT  A 1 7  ? -1.166  -0.193  0.261   1.00 49.60 ? 6  DT  A O4    1 
ATOM   137 C C5    . DT  A 1 7  ? -1.605  0.885   -1.814  1.00 48.44 ? 6  DT  A C5    1 
ATOM   138 C C7    . DT  A 1 7  ? -0.889  -0.098  -2.675  1.00 46.51 ? 6  DT  A C7    1 
ATOM   139 C C6    . DT  A 1 7  ? -2.224  1.958   -2.367  1.00 49.20 ? 6  DT  A C6    1 
ATOM   140 P P     . DA  A 1 8  ? -3.712  7.779   -3.921  1.00 54.25 ? 7  DA  A P     1 
ATOM   141 O OP1   . DA  A 1 8  ? -4.393  9.084   -4.150  1.00 55.54 ? 7  DA  A OP1   1 
ATOM   142 O OP2   . DA  A 1 8  ? -2.592  7.415   -4.847  1.00 54.00 ? 7  DA  A OP2   1 
ATOM   143 O "O5'" . DA  A 1 8  ? -3.209  7.727   -2.418  1.00 51.58 ? 7  DA  A "O5'" 1 
ATOM   144 C "C5'" . DA  A 1 8  ? -4.084  7.705   -1.329  1.00 51.78 ? 7  DA  A "C5'" 1 
ATOM   145 C "C4'" . DA  A 1 8  ? -3.341  8.102   -0.073  1.00 50.90 ? 7  DA  A "C4'" 1 
ATOM   146 O "O4'" . DA  A 1 8  ? -2.502  7.042   0.458   1.00 47.13 ? 7  DA  A "O4'" 1 
ATOM   147 C "C3'" . DA  A 1 8  ? -2.420  9.288   -0.256  1.00 53.16 ? 7  DA  A "C3'" 1 
ATOM   148 O "O3'" . DA  A 1 8  ? -2.638  10.068  0.918   1.00 59.68 ? 7  DA  A "O3'" 1 
ATOM   149 C "C2'" . DA  A 1 8  ? -1.021  8.667   -0.364  1.00 50.51 ? 7  DA  A "C2'" 1 
ATOM   150 C "C1'" . DA  A 1 8  ? -1.168  7.447   0.535   1.00 45.54 ? 7  DA  A "C1'" 1 
ATOM   151 N N9    . DA  A 1 8  ? -0.504  6.245   0.101   1.00 43.17 ? 7  DA  A N9    1 
ATOM   152 C C8    . DA  A 1 8  ? -0.191  5.821   -1.170  1.00 41.41 ? 7  DA  A C8    1 
ATOM   153 N N7    . DA  A 1 8  ? 0.405   4.638   -1.181  1.00 40.60 ? 7  DA  A N7    1 
ATOM   154 C C5    . DA  A 1 8  ? 0.467   4.281   0.176   1.00 40.96 ? 7  DA  A C5    1 
ATOM   155 C C6    . DA  A 1 8  ? 0.965   3.145   0.877   1.00 43.00 ? 7  DA  A C6    1 
ATOM   156 N N6    . DA  A 1 8  ? 1.551   2.077   0.266   1.00 43.56 ? 7  DA  A N6    1 
ATOM   157 N N1    . DA  A 1 8  ? 0.859   3.148   2.248   1.00 39.93 ? 7  DA  A N1    1 
ATOM   158 C C2    . DA  A 1 8  ? 0.293   4.179   2.894   1.00 42.08 ? 7  DA  A C2    1 
ATOM   159 N N3    . DA  A 1 8  ? -0.241  5.263   2.340   1.00 40.42 ? 7  DA  A N3    1 
ATOM   160 C C4    . DA  A 1 8  ? -0.110  5.254   0.979   1.00 41.68 ? 7  DA  A C4    1 
ATOM   161 P P     . DA  A 1 9  ? -1.811  11.406  1.129   1.00 63.11 ? 8  DA  A P     1 
ATOM   162 O OP1   . DA  A 1 9  ? -2.674  12.337  1.897   1.00 64.37 ? 8  DA  A OP1   1 
ATOM   163 O OP2   . DA  A 1 9  ? -1.291  11.809  -0.227  1.00 61.55 ? 8  DA  A OP2   1 
ATOM   164 O "O5'" . DA  A 1 9  ? -0.687  10.932  2.165   1.00 58.36 ? 8  DA  A "O5'" 1 
ATOM   165 C "C5'" . DA  A 1 9  ? -1.108  10.636  3.493   1.00 54.65 ? 8  DA  A "C5'" 1 
ATOM   166 C "C4'" . DA  A 1 9  ? 0.001   9.978   4.323   1.00 51.03 ? 8  DA  A "C4'" 1 
ATOM   167 O "O4'" . DA  A 1 9  ? 0.486   8.767   3.676   1.00 49.60 ? 8  DA  A "O4'" 1 
ATOM   168 C "C3'" . DA  A 1 9  ? 1.216   10.853  4.569   1.00 50.21 ? 8  DA  A "C3'" 1 
ATOM   169 O "O3'" . DA  A 1 9  ? 1.527   10.775  5.971   1.00 48.40 ? 8  DA  A "O3'" 1 
ATOM   170 C "C2'" . DA  A 1 9  ? 2.258   10.277  3.594   1.00 48.50 ? 8  DA  A "C2'" 1 
ATOM   171 C "C1'" . DA  A 1 9  ? 1.893   8.779   3.604   1.00 47.79 ? 8  DA  A "C1'" 1 
ATOM   172 N N9    . DA  A 1 9  ? 2.384   7.875   2.527   1.00 44.94 ? 8  DA  A N9    1 
ATOM   173 C C8    . DA  A 1 9  ? 2.428   8.107   1.182   1.00 42.49 ? 8  DA  A C8    1 
ATOM   174 N N7    . DA  A 1 9  ? 2.913   7.104   0.486   1.00 42.00 ? 8  DA  A N7    1 
ATOM   175 C C5    . DA  A 1 9  ? 3.238   6.143   1.418   1.00 42.72 ? 8  DA  A C5    1 
ATOM   176 C C6    . DA  A 1 9  ? 3.787   4.839   1.320   1.00 42.62 ? 8  DA  A C6    1 
ATOM   177 N N6    . DA  A 1 9  ? 4.163   4.233   0.181   1.00 42.05 ? 8  DA  A N6    1 
ATOM   178 N N1    . DA  A 1 9  ? 3.959   4.163   2.459   1.00 41.01 ? 8  DA  A N1    1 
ATOM   179 C C2    . DA  A 1 9  ? 3.625   4.700   3.619   1.00 42.15 ? 8  DA  A C2    1 
ATOM   180 N N3    . DA  A 1 9  ? 3.079   5.909   3.803   1.00 44.67 ? 8  DA  A N3    1 
ATOM   181 C C4    . DA  A 1 9  ? 2.913   6.603   2.674   1.00 42.85 ? 8  DA  A C4    1 
ATOM   182 P P     . DG  A 1 10 ? 2.511   11.797  6.721   1.00 48.98 ? 9  DG  A P     1 
ATOM   183 O OP1   . DG  A 1 10 ? 1.758   12.295  7.888   1.00 52.53 ? 9  DG  A OP1   1 
ATOM   184 O OP2   . DG  A 1 10 ? 3.155   12.790  5.832   1.00 48.03 ? 9  DG  A OP2   1 
ATOM   185 O "O5'" . DG  A 1 10 ? 3.612   10.801  7.308   1.00 47.91 ? 9  DG  A "O5'" 1 
ATOM   186 C "C5'" . DG  A 1 10 ? 3.279   9.460   7.542   1.00 46.53 ? 9  DG  A "C5'" 1 
ATOM   187 C "C4'" . DG  A 1 10 ? 4.534   8.626   7.733   1.00 44.90 ? 9  DG  A "C4'" 1 
ATOM   188 O "O4'" . DG  A 1 10 ? 4.737   7.923   6.500   1.00 47.45 ? 9  DG  A "O4'" 1 
ATOM   189 C "C3'" . DG  A 1 10 ? 5.852   9.352   7.959   1.00 44.60 ? 9  DG  A "C3'" 1 
ATOM   190 O "O3'" . DG  A 1 10 ? 6.555   8.771   9.058   1.00 44.62 ? 9  DG  A "O3'" 1 
ATOM   191 C "C2'" . DG  A 1 10 ? 6.595   9.267   6.626   1.00 44.15 ? 9  DG  A "C2'" 1 
ATOM   192 C "C1'" . DG  A 1 10 ? 6.095   7.929   6.122   1.00 41.72 ? 9  DG  A "C1'" 1 
ATOM   193 N N9    . DG  A 1 10 ? 6.149   7.661   4.683   1.00 39.18 ? 9  DG  A N9    1 
ATOM   194 C C8    . DG  A 1 10 ? 5.800   8.429   3.586   1.00 38.35 ? 9  DG  A C8    1 
ATOM   195 N N7    . DG  A 1 10 ? 5.996   7.835   2.423   1.00 38.73 ? 9  DG  A N7    1 
ATOM   196 C C5    . DG  A 1 10 ? 6.497   6.573   2.787   1.00 41.67 ? 9  DG  A C5    1 
ATOM   197 C C6    . DG  A 1 10 ? 6.891   5.446   2.004   1.00 42.15 ? 9  DG  A C6    1 
ATOM   198 O O6    . DG  A 1 10 ? 6.862   5.357   0.773   1.00 43.75 ? 9  DG  A O6    1 
ATOM   199 N N1    . DG  A 1 10 ? 7.352   4.371   2.780   1.00 41.53 ? 9  DG  A N1    1 
ATOM   200 C C2    . DG  A 1 10 ? 7.390   4.407   4.180   1.00 41.45 ? 9  DG  A C2    1 
ATOM   201 N N2    . DG  A 1 10 ? 7.856   3.362   4.880   1.00 36.35 ? 9  DG  A N2    1 
ATOM   202 N N3    . DG  A 1 10 ? 7.014   5.450   4.901   1.00 40.64 ? 9  DG  A N3    1 
ATOM   203 C C4    . DG  A 1 10 ? 6.586   6.478   4.159   1.00 39.61 ? 9  DG  A C4    1 
ATOM   204 P P     . DG  A 1 11 ? 7.918   9.400   9.584   1.00 45.14 ? 10 DG  A P     1 
ATOM   205 O OP1   . DG  A 1 11 ? 8.142   9.036   10.987  1.00 49.98 ? 10 DG  A OP1   1 
ATOM   206 O OP2   . DG  A 1 11 ? 8.167   10.783  9.095   1.00 43.98 ? 10 DG  A OP2   1 
ATOM   207 O "O5'" . DG  A 1 11 ? 8.785   8.334   8.797   1.00 51.35 ? 10 DG  A "O5'" 1 
ATOM   208 C "C5'" . DG  A 1 11 ? 9.061   7.000   9.323   1.00 48.95 ? 10 DG  A "C5'" 1 
ATOM   209 C "C4'" . DG  A 1 11 ? 10.187  6.385   8.499   1.00 45.97 ? 10 DG  A "C4'" 1 
ATOM   210 O "O4'" . DG  A 1 11 ? 9.733   6.509   7.128   1.00 46.14 ? 10 DG  A "O4'" 1 
ATOM   211 C "C3'" . DG  A 1 11 ? 11.602  6.987   8.503   1.00 48.39 ? 10 DG  A "C3'" 1 
ATOM   212 O "O3'" . DG  A 1 11 ? 12.670  5.987   8.644   1.00 52.70 ? 10 DG  A "O3'" 1 
ATOM   213 C "C2'" . DG  A 1 11 ? 11.727  7.578   7.110   1.00 45.89 ? 10 DG  A "C2'" 1 
ATOM   214 C "C1'" . DG  A 1 11 ? 10.877  6.563   6.342   1.00 43.51 ? 10 DG  A "C1'" 1 
ATOM   215 N N9    . DG  A 1 11 ? 10.482  6.985   5.031   1.00 40.50 ? 10 DG  A N9    1 
ATOM   216 C C8    . DG  A 1 11 ? 9.971   8.231   4.723   1.00 40.16 ? 10 DG  A C8    1 
ATOM   217 N N7    . DG  A 1 11 ? 9.757   8.367   3.450   1.00 41.13 ? 10 DG  A N7    1 
ATOM   218 C C5    . DG  A 1 11 ? 10.141  7.147   2.908   1.00 40.11 ? 10 DG  A C5    1 
ATOM   219 C C6    . DG  A 1 11 ? 10.113  6.692   1.574   1.00 38.75 ? 10 DG  A C6    1 
ATOM   220 O O6    . DG  A 1 11 ? 9.761   7.294   0.605   1.00 33.55 ? 10 DG  A O6    1 
ATOM   221 N N1    . DG  A 1 11 ? 10.566  5.389   1.379   1.00 40.46 ? 10 DG  A N1    1 
ATOM   222 C C2    . DG  A 1 11 ? 11.041  4.609   2.401   1.00 38.93 ? 10 DG  A C2    1 
ATOM   223 N N2    . DG  A 1 11 ? 11.441  3.415   2.031   1.00 39.22 ? 10 DG  A N2    1 
ATOM   224 N N3    . DG  A 1 11 ? 11.054  4.987   3.669   1.00 41.85 ? 10 DG  A N3    1 
ATOM   225 C C4    . DG  A 1 11 ? 10.596  6.275   3.863   1.00 40.20 ? 10 DG  A C4    1 
ATOM   226 O "O5'" . DT  B 1 1  ? 16.235  16.616  -8.209  0.50 51.23 ? 20 DT  B "O5'" 1 
ATOM   227 C "C5'" . DT  B 1 1  ? 15.215  16.426  -9.204  0.50 50.79 ? 20 DT  B "C5'" 1 
ATOM   228 C "C4'" . DT  B 1 1  ? 15.430  15.239  -10.137 0.50 50.78 ? 20 DT  B "C4'" 1 
ATOM   229 O "O4'" . DT  B 1 1  ? 16.305  14.239  -9.562  0.50 50.26 ? 20 DT  B "O4'" 1 
ATOM   230 C "C3'" . DT  B 1 1  ? 14.154  14.454  -10.396 0.50 52.57 ? 20 DT  B "C3'" 1 
ATOM   231 O "O3'" . DT  B 1 1  ? 14.263  13.653  -11.555 0.50 54.74 ? 20 DT  B "O3'" 1 
ATOM   232 C "C2'" . DT  B 1 1  ? 14.087  13.615  -9.125  0.50 49.53 ? 20 DT  B "C2'" 1 
ATOM   233 C "C1'" . DT  B 1 1  ? 15.548  13.216  -8.910  0.50 48.42 ? 20 DT  B "C1'" 1 
ATOM   234 N N1    . DT  B 1 1  ? 15.993  13.138  -7.440  0.50 46.89 ? 20 DT  B N1    1 
ATOM   235 C C2    . DT  B 1 1  ? 16.827  12.152  -6.872  0.50 45.70 ? 20 DT  B C2    1 
ATOM   236 O O2    . DT  B 1 1  ? 17.339  11.192  -7.437  0.50 43.02 ? 20 DT  B O2    1 
ATOM   237 N N3    . DT  B 1 1  ? 17.080  12.335  -5.536  0.50 43.44 ? 20 DT  B N3    1 
ATOM   238 C C4    . DT  B 1 1  ? 16.619  13.357  -4.741  0.50 43.37 ? 20 DT  B C4    1 
ATOM   239 O O4    . DT  B 1 1  ? 16.909  13.416  -3.562  0.50 43.86 ? 20 DT  B O4    1 
ATOM   240 C C5    . DT  B 1 1  ? 15.775  14.331  -5.383  0.50 43.37 ? 20 DT  B C5    1 
ATOM   241 C C7    . DT  B 1 1  ? 15.175  15.497  -4.661  0.50 42.25 ? 20 DT  B C7    1 
ATOM   242 C C6    . DT  B 1 1  ? 15.519  14.168  -6.667  0.50 45.05 ? 20 DT  B C6    1 
ATOM   243 P P     . DG  B 1 2  ? 12.981  12.744  -11.899 0.50 60.06 ? 21 DG  B P     1 
ATOM   244 O OP1   . DG  B 1 2  ? 13.064  12.244  -13.296 0.50 58.19 ? 21 DG  B OP1   1 
ATOM   245 O OP2   . DG  B 1 2  ? 11.811  13.563  -11.481 0.50 57.80 ? 21 DG  B OP2   1 
ATOM   246 O "O5'" . DG  B 1 2  ? 13.158  11.445  -10.960 1.00 57.47 ? 21 DG  B "O5'" 1 
ATOM   247 C "C5'" . DG  B 1 2  ? 14.374  10.656  -11.055 1.00 60.19 ? 21 DG  B "C5'" 1 
ATOM   248 C "C4'" . DG  B 1 2  ? 14.368  9.506   -10.080 1.00 58.55 ? 21 DG  B "C4'" 1 
ATOM   249 O "O4'" . DG  B 1 2  ? 14.664  9.936   -8.726  1.00 56.63 ? 21 DG  B "O4'" 1 
ATOM   250 C "C3'" . DG  B 1 2  ? 12.931  9.035   -10.062 1.00 60.90 ? 21 DG  B "C3'" 1 
ATOM   251 O "O3'" . DG  B 1 2  ? 12.892  7.835   -10.787 1.00 62.92 ? 21 DG  B "O3'" 1 
ATOM   252 C "C2'" . DG  B 1 2  ? 12.471  9.076   -8.599  1.00 56.81 ? 21 DG  B "C2'" 1 
ATOM   253 C "C1'" . DG  B 1 2  ? 13.745  9.342   -7.822  1.00 54.10 ? 21 DG  B "C1'" 1 
ATOM   254 N N9    . DG  B 1 2  ? 13.601  10.188  -6.625  1.00 51.59 ? 21 DG  B N9    1 
ATOM   255 C C8    . DG  B 1 2  ? 12.963  11.397  -6.511  1.00 49.61 ? 21 DG  B C8    1 
ATOM   256 N N7    . DG  B 1 2  ? 13.024  11.894  -5.315  1.00 48.70 ? 21 DG  B N7    1 
ATOM   257 C C5    . DG  B 1 2  ? 13.732  10.979  -4.565  1.00 48.47 ? 21 DG  B C5    1 
ATOM   258 C C6    . DG  B 1 2  ? 14.117  10.998  -3.209  1.00 48.30 ? 21 DG  B C6    1 
ATOM   259 O O6    . DG  B 1 2  ? 13.892  11.846  -2.341  1.00 49.54 ? 21 DG  B O6    1 
ATOM   260 N N1    . DG  B 1 2  ? 14.795  9.845   -2.831  1.00 49.35 ? 21 DG  B N1    1 
ATOM   261 C C2    . DG  B 1 2  ? 15.114  8.829   -3.697  1.00 48.74 ? 21 DG  B C2    1 
ATOM   262 N N2    . DG  B 1 2  ? 15.766  7.781   -3.176  1.00 48.88 ? 21 DG  B N2    1 
ATOM   263 N N3    . DG  B 1 2  ? 14.780  8.819   -4.974  1.00 47.64 ? 21 DG  B N3    1 
ATOM   264 C C4    . DG  B 1 2  ? 14.079  9.911   -5.349  1.00 49.62 ? 21 DG  B C4    1 
ATOM   265 P P     . DG  B 1 3  ? 12.034  6.595   -10.312 1.00 69.86 ? 22 DG  B P     1 
ATOM   266 O OP1   . DG  B 1 3  ? 11.933  5.703   -11.497 1.00 70.87 ? 22 DG  B OP1   1 
ATOM   267 O OP2   . DG  B 1 3  ? 10.758  6.946   -9.626  1.00 68.55 ? 22 DG  B OP2   1 
ATOM   268 O "O5'" . DG  B 1 3  ? 13.133  6.021   -9.293  1.00 67.33 ? 22 DG  B "O5'" 1 
ATOM   269 C "C5'" . DG  B 1 3  ? 13.461  4.642   -9.333  1.00 64.76 ? 22 DG  B "C5'" 1 
ATOM   270 C "C4'" . DG  B 1 3  ? 12.952  4.071   -8.039  1.00 62.37 ? 22 DG  B "C4'" 1 
ATOM   271 O "O4'" . DG  B 1 3  ? 13.127  5.132   -7.055  1.00 61.12 ? 22 DG  B "O4'" 1 
ATOM   272 C "C3'" . DG  B 1 3  ? 11.475  3.727   -8.078  1.00 62.08 ? 22 DG  B "C3'" 1 
ATOM   273 O "O3'" . DG  B 1 3  ? 11.064  2.462   -7.580  1.00 64.96 ? 22 DG  B "O3'" 1 
ATOM   274 C "C2'" . DG  B 1 3  ? 10.849  4.699   -7.078  1.00 59.70 ? 22 DG  B "C2'" 1 
ATOM   275 C "C1'" . DG  B 1 3  ? 12.031  5.047   -6.175  1.00 57.46 ? 22 DG  B "C1'" 1 
ATOM   276 N N9    . DG  B 1 3  ? 11.767  6.270   -5.431  1.00 50.97 ? 22 DG  B N9    1 
ATOM   277 C C8    . DG  B 1 3  ? 11.079  7.364   -5.904  1.00 50.45 ? 22 DG  B C8    1 
ATOM   278 N N7    . DG  B 1 3  ? 10.938  8.334   -5.041  1.00 49.84 ? 22 DG  B N7    1 
ATOM   279 C C5    . DG  B 1 3  ? 11.561  7.836   -3.915  1.00 47.35 ? 22 DG  B C5    1 
ATOM   280 C C6    . DG  B 1 3  ? 11.692  8.445   -2.659  1.00 44.23 ? 22 DG  B C6    1 
ATOM   281 O O6    . DG  B 1 3  ? 11.260  9.549   -2.337  1.00 43.57 ? 22 DG  B O6    1 
ATOM   282 N N1    . DG  B 1 3  ? 12.384  7.631   -1.770  1.00 42.11 ? 22 DG  B N1    1 
ATOM   283 C C2    . DG  B 1 3  ? 12.858  6.370   -2.081  1.00 41.29 ? 22 DG  B C2    1 
ATOM   284 N N2    . DG  B 1 3  ? 13.477  5.706   -1.101  1.00 40.50 ? 22 DG  B N2    1 
ATOM   285 N N3    . DG  B 1 3  ? 12.728  5.793   -3.254  1.00 41.89 ? 22 DG  B N3    1 
ATOM   286 C C4    . DG  B 1 3  ? 12.060  6.560   -4.126  1.00 46.77 ? 22 DG  B C4    1 
ATOM   287 P P     . DC  B 1 4  ? 11.741  1.029   -7.572  1.00 64.97 ? 23 DC  B P     1 
ATOM   288 O OP1   . DC  B 1 4  ? 12.423  0.813   -8.867  1.00 67.19 ? 23 DC  B OP1   1 
ATOM   289 O OP2   . DC  B 1 4  ? 10.657  0.144   -7.072  1.00 65.00 ? 23 DC  B OP2   1 
ATOM   290 O "O5'" . DC  B 1 4  ? 12.876  1.013   -6.472  1.00 65.49 ? 23 DC  B "O5'" 1 
ATOM   291 C "C5'" . DC  B 1 4  ? 13.329  -0.254  -6.093  1.00 64.86 ? 23 DC  B "C5'" 1 
ATOM   292 C "C4'" . DC  B 1 4  ? 12.900  -0.511  -4.685  1.00 63.74 ? 23 DC  B "C4'" 1 
ATOM   293 O "O4'" . DC  B 1 4  ? 12.930  0.741   -3.969  1.00 62.97 ? 23 DC  B "O4'" 1 
ATOM   294 C "C3'" . DC  B 1 4  ? 11.541  -1.181  -4.470  1.00 66.65 ? 23 DC  B "C3'" 1 
ATOM   295 O "O3'" . DC  B 1 4  ? 11.712  -2.611  -4.111  1.00 70.40 ? 23 DC  B "O3'" 1 
ATOM   296 C "C2'" . DC  B 1 4  ? 10.895  -0.316  -3.398  1.00 64.71 ? 23 DC  B "C2'" 1 
ATOM   297 C "C1'" . DC  B 1 4  ? 11.963  0.681   -2.938  1.00 62.27 ? 23 DC  B "C1'" 1 
ATOM   298 N N1    . DC  B 1 4  ? 11.316  2.028   -2.611  1.00 59.01 ? 23 DC  B N1    1 
ATOM   299 C C2    . DC  B 1 4  ? 11.401  2.594   -1.303  1.00 58.49 ? 23 DC  B C2    1 
ATOM   300 O O2    . DC  B 1 4  ? 12.040  2.043   -0.379  1.00 58.73 ? 23 DC  B O2    1 
ATOM   301 N N3    . DC  B 1 4  ? 10.786  3.785   -1.082  1.00 56.54 ? 23 DC  B N3    1 
ATOM   302 C C4    . DC  B 1 4  ? 10.095  4.356   -2.070  1.00 56.36 ? 23 DC  B C4    1 
ATOM   303 N N4    . DC  B 1 4  ? 9.502   5.493   -1.809  1.00 57.16 ? 23 DC  B N4    1 
ATOM   304 C C5    . DC  B 1 4  ? 9.974   3.809   -3.376  1.00 56.45 ? 23 DC  B C5    1 
ATOM   305 C C6    . DC  B 1 4  ? 10.598  2.651   -3.603  1.00 55.65 ? 23 DC  B C6    1 
ATOM   306 P P     . DC  B 1 5  ? 11.430  -3.464  -2.748  1.00 72.99 ? 24 DC  B P     1 
ATOM   307 O OP1   . DC  B 1 5  ? 12.538  -4.461  -2.594  1.00 72.20 ? 24 DC  B OP1   1 
ATOM   308 O OP2   . DC  B 1 5  ? 10.036  -3.935  -2.906  1.00 71.17 ? 24 DC  B OP2   1 
ATOM   309 O "O5'" . DC  B 1 5  ? 11.505  -2.504  -1.466  1.00 71.16 ? 24 DC  B "O5'" 1 
ATOM   310 C "C5'" . DC  B 1 5  ? 12.280  -2.928  -0.334  1.00 71.26 ? 24 DC  B "C5'" 1 
ATOM   311 C "C4'" . DC  B 1 5  ? 11.619  -2.542  0.964   1.00 69.91 ? 24 DC  B "C4'" 1 
ATOM   312 O "O4'" . DC  B 1 5  ? 11.118  -1.191  0.878   1.00 67.82 ? 24 DC  B "O4'" 1 
ATOM   313 C "C3'" . DC  B 1 5  ? 10.419  -3.415  1.258   1.00 70.27 ? 24 DC  B "C3'" 1 
ATOM   314 O "O3'" . DC  B 1 5  ? 10.510  -3.719  2.617   1.00 70.86 ? 24 DC  B "O3'" 1 
ATOM   315 C "C2'" . DC  B 1 5  ? 9.230   -2.514  0.935   1.00 69.02 ? 24 DC  B "C2'" 1 
ATOM   316 C "C1'" . DC  B 1 5  ? 9.790   -1.168  1.339   1.00 67.13 ? 24 DC  B "C1'" 1 
ATOM   317 N N1    . DC  B 1 5  ? 9.089   -0.004  0.735   1.00 66.23 ? 24 DC  B N1    1 
ATOM   318 C C2    . DC  B 1 5  ? 8.823   1.137   1.516   1.00 64.99 ? 24 DC  B C2    1 
ATOM   319 O O2    . DC  B 1 5  ? 9.166   1.162   2.726   1.00 65.33 ? 24 DC  B O2    1 
ATOM   320 N N3    . DC  B 1 5  ? 8.181   2.181   0.907   1.00 62.64 ? 24 DC  B N3    1 
ATOM   321 C C4    . DC  B 1 5  ? 7.828   2.122   -0.384  1.00 62.62 ? 24 DC  B C4    1 
ATOM   322 N N4    . DC  B 1 5  ? 7.190   3.156   -0.931  1.00 61.04 ? 24 DC  B N4    1 
ATOM   323 C C5    . DC  B 1 5  ? 8.102   0.980   -1.196  1.00 64.64 ? 24 DC  B C5    1 
ATOM   324 C C6    . DC  B 1 5  ? 8.730   -0.041  -0.594  1.00 66.72 ? 24 DC  B C6    1 
ATOM   325 P P     . DT  B 1 6  ? 9.396   -4.557  3.402   1.00 72.89 ? 25 DT  B P     1 
ATOM   326 O OP1   . DT  B 1 6  ? 10.153  -5.464  4.309   1.00 73.85 ? 25 DT  B OP1   1 
ATOM   327 O OP2   . DT  B 1 6  ? 8.341   -5.102  2.497   1.00 70.05 ? 25 DT  B OP2   1 
ATOM   328 O "O5'" . DT  B 1 6  ? 8.766   -3.362  4.278   1.00 71.87 ? 25 DT  B "O5'" 1 
ATOM   329 C "C5'" . DT  B 1 6  ? 9.530   -2.610  5.232   1.00 66.55 ? 25 DT  B "C5'" 1 
ATOM   330 C "C4'" . DT  B 1 6  ? 8.604   -1.659  5.956   1.00 62.80 ? 25 DT  B "C4'" 1 
ATOM   331 O "O4'" . DT  B 1 6  ? 8.083   -0.716  4.997   1.00 61.07 ? 25 DT  B "O4'" 1 
ATOM   332 C "C3'" . DT  B 1 6  ? 7.381   -2.314  6.602   1.00 62.63 ? 25 DT  B "C3'" 1 
ATOM   333 O "O3'" . DT  B 1 6  ? 7.288   -1.920  8.026   1.00 61.87 ? 25 DT  B "O3'" 1 
ATOM   334 C "C2'" . DT  B 1 6  ? 6.207   -1.921  5.694   1.00 58.79 ? 25 DT  B "C2'" 1 
ATOM   335 C "C1'" . DT  B 1 6  ? 6.697   -0.583  5.188   1.00 57.19 ? 25 DT  B "C1'" 1 
ATOM   336 N N1    . DT  B 1 6  ? 6.110   -0.090  3.910   1.00 53.82 ? 25 DT  B N1    1 
ATOM   337 C C2    . DT  B 1 6  ? 5.515   1.181   3.917   1.00 52.63 ? 25 DT  B C2    1 
ATOM   338 O O2    . DT  B 1 6  ? 5.403   1.950   4.871   1.00 52.60 ? 25 DT  B O2    1 
ATOM   339 N N3    . DT  B 1 6  ? 4.992   1.555   2.715   1.00 50.28 ? 25 DT  B N3    1 
ATOM   340 C C4    . DT  B 1 6  ? 4.983   0.863   1.529   1.00 52.15 ? 25 DT  B C4    1 
ATOM   341 O O4    . DT  B 1 6  ? 4.451   1.382   0.541   1.00 51.89 ? 25 DT  B O4    1 
ATOM   342 C C5    . DT  B 1 6  ? 5.603   -0.472  1.582   1.00 51.66 ? 25 DT  B C5    1 
ATOM   343 C C7    . DT  B 1 6  ? 5.638   -1.339  0.361   1.00 48.98 ? 25 DT  B C7    1 
ATOM   344 C C6    . DT  B 1 6  ? 6.134   -0.881  2.758   1.00 51.35 ? 25 DT  B C6    1 
ATOM   345 P P     . DT  B 1 7  ? 5.950   -2.167  8.863   1.00 63.77 ? 26 DT  B P     1 
ATOM   346 O OP1   . DT  B 1 7  ? 6.224   -2.139  10.319  1.00 63.59 ? 26 DT  B OP1   1 
ATOM   347 O OP2   . DT  B 1 7  ? 5.215   -3.306  8.233   1.00 60.67 ? 26 DT  B OP2   1 
ATOM   348 O "O5'" . DT  B 1 7  ? 5.176   -0.799  8.568   1.00 63.71 ? 26 DT  B "O5'" 1 
ATOM   349 C "C5'" . DT  B 1 7  ? 5.578   0.422   9.151   1.00 60.38 ? 26 DT  B "C5'" 1 
ATOM   350 C "C4'" . DT  B 1 7  ? 4.432   1.395   8.982   1.00 60.69 ? 26 DT  B "C4'" 1 
ATOM   351 O "O4'" . DT  B 1 7  ? 4.084   1.472   7.575   1.00 59.86 ? 26 DT  B "O4'" 1 
ATOM   352 C "C3'" . DT  B 1 7  ? 3.134   0.989   9.686   1.00 61.68 ? 26 DT  B "C3'" 1 
ATOM   353 O "O3'" . DT  B 1 7  ? 2.430   2.146   10.111  1.00 60.31 ? 26 DT  B "O3'" 1 
ATOM   354 C "C2'" . DT  B 1 7  ? 2.340   0.301   8.564   1.00 60.26 ? 26 DT  B "C2'" 1 
ATOM   355 C "C1'" . DT  B 1 7  ? 2.687   1.247   7.424   1.00 57.76 ? 26 DT  B "C1'" 1 
ATOM   356 N N1    . DT  B 1 7  ? 2.467   0.822   6.029   1.00 52.77 ? 26 DT  B N1    1 
ATOM   357 C C2    . DT  B 1 7  ? 2.010   1.785   5.164   1.00 52.54 ? 26 DT  B C2    1 
ATOM   358 O O2    . DT  B 1 7  ? 1.745   2.941   5.430   1.00 55.16 ? 26 DT  B O2    1 
ATOM   359 N N3    . DT  B 1 7  ? 1.858   1.337   3.900   1.00 51.59 ? 26 DT  B N3    1 
ATOM   360 C C4    . DT  B 1 7  ? 2.110   0.091   3.373   1.00 49.81 ? 26 DT  B C4    1 
ATOM   361 O O4    . DT  B 1 7  ? 1.903   -0.079  2.177   1.00 47.36 ? 26 DT  B O4    1 
ATOM   362 C C5    . DT  B 1 7  ? 2.594   -0.892  4.334   1.00 49.74 ? 26 DT  B C5    1 
ATOM   363 C C7    . DT  B 1 7  ? 2.917   -2.296  3.949   1.00 49.58 ? 26 DT  B C7    1 
ATOM   364 C C6    . DT  B 1 7  ? 2.743   -0.478  5.609   1.00 52.05 ? 26 DT  B C6    1 
ATOM   365 P P     . DA  B 1 8  ? 1.793   2.280   11.569  1.00 60.19 ? 27 DA  B P     1 
ATOM   366 O OP1   . DA  B 1 8  ? 2.854   2.926   12.373  1.00 59.38 ? 27 DA  B OP1   1 
ATOM   367 O OP2   . DA  B 1 8  ? 1.163   0.970   11.917  1.00 56.51 ? 27 DA  B OP2   1 
ATOM   368 O "O5'" . DA  B 1 8  ? 0.663   3.406   11.417  1.00 54.29 ? 27 DA  B "O5'" 1 
ATOM   369 C "C5'" . DA  B 1 8  ? 0.882   4.470   10.497  1.00 51.27 ? 27 DA  B "C5'" 1 
ATOM   370 C "C4'" . DA  B 1 8  ? -0.321  4.719   9.616   1.00 48.08 ? 27 DA  B "C4'" 1 
ATOM   371 O "O4'" . DA  B 1 8  ? -0.348  3.882   8.433   1.00 47.47 ? 27 DA  B "O4'" 1 
ATOM   372 C "C3'" . DA  B 1 8  ? -1.669  4.511   10.291  1.00 50.58 ? 27 DA  B "C3'" 1 
ATOM   373 O "O3'" . DA  B 1 8  ? -2.394  5.724   10.045  1.00 52.78 ? 27 DA  B "O3'" 1 
ATOM   374 C "C2'" . DA  B 1 8  ? -2.212  3.232   9.647   1.00 48.47 ? 27 DA  B "C2'" 1 
ATOM   375 C "C1'" . DA  B 1 8  ? -1.664  3.398   8.227   1.00 46.37 ? 27 DA  B "C1'" 1 
ATOM   376 N N9    . DA  B 1 8  ? -1.497  2.238   7.360   1.00 43.25 ? 27 DA  B N9    1 
ATOM   377 C C8    . DA  B 1 8  ? -1.089  0.958   7.701   1.00 42.96 ? 27 DA  B C8    1 
ATOM   378 N N7    . DA  B 1 8  ? -0.998  0.137   6.664   1.00 42.32 ? 27 DA  B N7    1 
ATOM   379 C C5    . DA  B 1 8  ? -1.350  0.940   5.560   1.00 41.00 ? 27 DA  B C5    1 
ATOM   380 C C6    . DA  B 1 8  ? -1.484  0.720   4.171   1.00 41.76 ? 27 DA  B C6    1 
ATOM   381 N N6    . DA  B 1 8  ? -1.225  -0.434  3.532   1.00 44.07 ? 27 DA  B N6    1 
ATOM   382 N N1    . DA  B 1 8  ? -1.889  1.731   3.375   1.00 40.04 ? 27 DA  B N1    1 
ATOM   383 C C2    . DA  B 1 8  ? -2.137  2.915   3.919   1.00 43.90 ? 27 DA  B C2    1 
ATOM   384 N N3    . DA  B 1 8  ? -2.052  3.262   5.195   1.00 47.22 ? 27 DA  B N3    1 
ATOM   385 C C4    . DA  B 1 8  ? -1.655  2.227   5.981   1.00 43.54 ? 27 DA  B C4    1 
ATOM   386 P P     . DA  B 1 9  ? -3.772  6.078   10.756  1.00 57.26 ? 28 DA  B P     1 
ATOM   387 O OP1   . DA  B 1 9  ? -3.645  7.302   11.566  1.00 59.50 ? 28 DA  B OP1   1 
ATOM   388 O OP2   . DA  B 1 9  ? -4.337  4.847   11.330  1.00 56.90 ? 28 DA  B OP2   1 
ATOM   389 O "O5'" . DA  B 1 9  ? -4.758  6.535   9.578   1.00 58.75 ? 28 DA  B "O5'" 1 
ATOM   390 C "C5'" . DA  B 1 9  ? -4.326  7.033   8.310   1.00 55.93 ? 28 DA  B "C5'" 1 
ATOM   391 C "C4'" . DA  B 1 9  ? -5.174  6.426   7.195   1.00 51.97 ? 28 DA  B "C4'" 1 
ATOM   392 O "O4'" . DA  B 1 9  ? -4.609  5.182   6.789   1.00 49.05 ? 28 DA  B "O4'" 1 
ATOM   393 C "C3'" . DA  B 1 9  ? -6.663  6.086   7.415   1.00 52.16 ? 28 DA  B "C3'" 1 
ATOM   394 O "O3'" . DA  B 1 9  ? -7.406  6.529   6.303   1.00 52.07 ? 28 DA  B "O3'" 1 
ATOM   395 C "C2'" . DA  B 1 9  ? -6.760  4.581   7.360   1.00 48.12 ? 28 DA  B "C2'" 1 
ATOM   396 C "C1'" . DA  B 1 9  ? -5.700  4.421   6.322   1.00 48.44 ? 28 DA  B "C1'" 1 
ATOM   397 N N9    . DA  B 1 9  ? -5.347  3.031   6.235   1.00 48.90 ? 28 DA  B N9    1 
ATOM   398 C C8    . DA  B 1 9  ? -5.034  2.167   7.255   1.00 46.13 ? 28 DA  B C8    1 
ATOM   399 N N7    . DA  B 1 9  ? -4.789  0.956   6.823   1.00 46.01 ? 28 DA  B N7    1 
ATOM   400 C C5    . DA  B 1 9  ? -4.924  1.052   5.447   1.00 46.45 ? 28 DA  B C5    1 
ATOM   401 C C6    . DA  B 1 9  ? -4.786  0.131   4.383   1.00 46.33 ? 28 DA  B C6    1 
ATOM   402 N N6    . DA  B 1 9  ? -4.424  -1.124  4.555   1.00 47.10 ? 28 DA  B N6    1 
ATOM   403 N N1    . DA  B 1 9  ? -5.003  0.561   3.112   1.00 45.78 ? 28 DA  B N1    1 
ATOM   404 C C2    . DA  B 1 9  ? -5.349  1.847   2.910   1.00 46.93 ? 28 DA  B C2    1 
ATOM   405 N N3    . DA  B 1 9  ? -5.516  2.813   3.828   1.00 45.97 ? 28 DA  B N3    1 
ATOM   406 C C4    . DA  B 1 9  ? -5.273  2.342   5.067   1.00 47.13 ? 28 DA  B C4    1 
ATOM   407 P P     . DG  B 1 10 ? -8.851  7.099   6.543   1.00 51.72 ? 29 DG  B P     1 
ATOM   408 O OP1   . DG  B 1 10 ? -8.663  8.402   7.248   1.00 49.86 ? 29 DG  B OP1   1 
ATOM   409 O OP2   . DG  B 1 10 ? -9.740  6.078   7.146   1.00 53.76 ? 29 DG  B OP2   1 
ATOM   410 O "O5'" . DG  B 1 10 ? -9.366  7.191   5.032   1.00 48.40 ? 29 DG  B "O5'" 1 
ATOM   411 C "C5'" . DG  B 1 10 ? -8.497  7.211   3.894   1.00 58.46 ? 29 DG  B "C5'" 1 
ATOM   412 C "C4'" . DG  B 1 10 ? -9.141  6.534   2.694   1.00 30.74 ? 29 DG  B "C4'" 1 
ATOM   413 O "O4'" . DG  B 1 10 ? -8.619  5.202   2.572   1.00 61.98 ? 29 DG  B "O4'" 1 
ATOM   414 C "C3'" . DG  B 1 10 ? -10.667 6.389   2.657   1.00 31.66 ? 29 DG  B "C3'" 1 
ATOM   415 O "O3'" . DG  B 1 10 ? -11.066 6.591   1.306   1.00 43.03 ? 29 DG  B "O3'" 1 
ATOM   416 C "C2'" . DG  B 1 10 ? -10.910 4.946   3.057   1.00 79.88 ? 29 DG  B "C2'" 1 
ATOM   417 C "C1'" . DG  B 1 10 ? -9.686  4.289   2.431   1.00 37.56 ? 29 DG  B "C1'" 1 
ATOM   418 N N9    . DG  B 1 10 ? -9.259  3.092   3.140   1.00 50.08 ? 29 DG  B N9    1 
ATOM   419 C C8    . DG  B 1 10 ? -9.114  3.020   4.506   1.00 45.21 ? 29 DG  B C8    1 
ATOM   420 N N7    . DG  B 1 10 ? -8.715  1.863   4.913   1.00 43.79 ? 29 DG  B N7    1 
ATOM   421 C C5    . DG  B 1 10 ? -8.585  1.107   3.738   1.00 31.43 ? 29 DG  B C5    1 
ATOM   422 C C6    . DG  B 1 10 ? -8.172  -0.245  3.583   1.00 54.86 ? 29 DG  B C6    1 
ATOM   423 O O6    . DG  B 1 10 ? -7.837  -1.055  4.452   1.00 39.37 ? 29 DG  B O6    1 
ATOM   424 N N1    . DG  B 1 10 ? -8.165  -0.644  2.261   1.00 57.03 ? 29 DG  B N1    1 
ATOM   425 C C2    . DG  B 1 10 ? -8.509  0.160   1.208   1.00 55.40 ? 29 DG  B C2    1 
ATOM   426 N N2    . DG  B 1 10 ? -8.427  -0.439  0.022   1.00 40.30 ? 29 DG  B N2    1 
ATOM   427 N N3    . DG  B 1 10 ? -8.902  1.428   1.329   1.00 50.05 ? 29 DG  B N3    1 
ATOM   428 C C4    . DG  B 1 10 ? -8.914  1.846   2.627   1.00 32.75 ? 29 DG  B C4    1 
ATOM   429 P P     . DG  B 1 11 ? -12.604 6.767   0.953   1.00 53.90 ? 30 DG  B P     1 
ATOM   430 O OP1   . DG  B 1 11 ? -12.682 7.848   -0.045  1.00 86.26 ? 30 DG  B OP1   1 
ATOM   431 O OP2   . DG  B 1 11 ? -13.421 6.924   2.191   1.00 66.65 ? 30 DG  B OP2   1 
ATOM   432 O "O5'" . DG  B 1 11 ? -12.945 5.325   0.314   1.00 66.20 ? 30 DG  B "O5'" 1 
ATOM   433 C "C5'" . DG  B 1 11 ? -12.075 4.554   -0.575  1.00 58.50 ? 30 DG  B "C5'" 1 
ATOM   434 C "C4'" . DG  B 1 11 ? -12.760 3.253   -1.021  1.00 38.62 ? 30 DG  B "C4'" 1 
ATOM   435 O "O4'" . DG  B 1 11 ? -12.133 2.143   -0.327  1.00 64.76 ? 30 DG  B "O4'" 1 
ATOM   436 C "C3'" . DG  B 1 11 ? -14.284 3.156   -0.786  1.00 57.78 ? 30 DG  B "C3'" 1 
ATOM   437 O "O3'" . DG  B 1 11 ? -15.053 2.529   -1.842  1.00 63.29 ? 30 DG  B "O3'" 1 
ATOM   438 C "C2'" . DG  B 1 11 ? -14.373 2.349   0.490   1.00 48.52 ? 30 DG  B "C2'" 1 
ATOM   439 C "C1'" . DG  B 1 11 ? -13.104 1.467   0.445   1.00 43.25 ? 30 DG  B "C1'" 1 
ATOM   440 N N9    . DG  B 1 11 ? -12.599 0.988   1.766   1.00 46.65 ? 30 DG  B N9    1 
ATOM   441 C C8    . DG  B 1 11 ? -12.591 1.589   3.024   1.00 69.46 ? 30 DG  B C8    1 
ATOM   442 N N7    . DG  B 1 11 ? -12.111 0.829   3.989   1.00 42.07 ? 30 DG  B N7    1 
ATOM   443 C C5    . DG  B 1 11 ? -11.766 -0.361  3.329   1.00 68.89 ? 30 DG  B C5    1 
ATOM   444 C C6    . DG  B 1 11 ? -11.190 -1.584  3.768   1.00 47.53 ? 30 DG  B C6    1 
ATOM   445 O O6    . DG  B 1 11 ? -10.822 -1.979  4.880   1.00 37.07 ? 30 DG  B O6    1 
ATOM   446 N N1    . DG  B 1 11 ? -11.072 -2.503  2.758   1.00 29.46 ? 30 DG  B N1    1 
ATOM   447 C C2    . DG  B 1 11 ? -11.421 -2.310  1.471   1.00 36.37 ? 30 DG  B C2    1 
ATOM   448 N N2    . DG  B 1 11 ? -11.231 -3.326  0.634   1.00 41.69 ? 30 DG  B N2    1 
ATOM   449 N N3    . DG  B 1 11 ? -11.919 -1.192  1.026   1.00 65.69 ? 30 DG  B N3    1 
ATOM   450 C C4    . DG  B 1 11 ? -12.070 -0.269  1.991   1.00 39.29 ? 30 DG  B C4    1 
HETATM 451 O O     . HOH C 2 .  ? -5.679  -13.198 -4.596  1.00 40.18 ? 11 HOH A O     1 
HETATM 452 O O     . HOH C 2 .  ? -16.154 -22.398 -4.547  1.00 51.23 ? 12 HOH A O     1 
HETATM 453 O O     . HOH C 2 .  ? -10.771 -6.986  -2.232  1.00 44.12 ? 13 HOH A O     1 
HETATM 454 O O     . HOH C 2 .  ? -6.807  -20.255 -6.773  1.00 29.09 ? 14 HOH A O     1 
HETATM 455 O O     . HOH C 2 .  ? -7.555  3.109   -1.166  1.00 49.42 ? 15 HOH A O     1 
HETATM 456 O O     . HOH C 2 .  ? 10.753  3.608   7.729   1.00 61.44 ? 16 HOH A O     1 
HETATM 457 O O     . HOH C 2 .  ? -4.549  12.455  -4.550  1.00 52.99 ? 17 HOH A O     1 
HETATM 458 O O     . HOH C 2 .  ? -9.427  -3.980  -3.258  1.00 54.10 ? 18 HOH A O     1 
HETATM 459 O O     . HOH C 2 .  ? -1.711  -3.823  -4.177  1.00 42.15 ? 19 HOH A O     1 
HETATM 460 O O     . HOH C 2 .  ? 2.211   5.984   6.453   1.00 43.02 ? 20 HOH A O     1 
HETATM 461 O O     . HOH C 2 .  ? -16.294 -21.396 -8.627  1.00 42.82 ? 21 HOH A O     1 
HETATM 462 O O     . HOH C 2 .  ? -9.385  -12.304 -2.619  1.00 48.19 ? 23 HOH A O     1 
HETATM 463 O O     . HOH C 2 .  ? -18.295 -14.015 -7.207  1.00 44.29 ? 27 HOH A O     1 
HETATM 464 O O     . HOH C 2 .  ? -5.791  12.092  2.003   1.00 46.35 ? 33 HOH A O     1 
HETATM 465 O O     . HOH C 2 .  ? -8.736  1.547   -3.014  1.00 49.23 ? 34 HOH A O     1 
HETATM 466 O O     . HOH C 2 .  ? -7.602  -17.536 -7.325  1.00 51.86 ? 35 HOH A O     1 
HETATM 467 O O     . HOH C 2 .  ? 7.578   13.640  7.557   1.00 48.26 ? 36 HOH A O     1 
HETATM 468 O O     . HOH C 2 .  ? 0.080   6.565   -4.577  1.00 49.39 ? 37 HOH A O     1 
HETATM 469 O O     . HOH C 2 .  ? -1.924  12.910  -2.853  1.00 50.13 ? 38 HOH A O     1 
HETATM 470 O O     . HOH C 2 .  ? -14.641 -21.056 -2.892  1.00 59.18 ? 41 HOH A O     1 
HETATM 471 O O     . HOH C 2 .  ? -7.265  4.809   -6.979  1.00 56.41 ? 42 HOH A O     1 
HETATM 472 O O     . HOH D 2 .  ? 11.444  13.963  -5.073  1.00 48.66 ? 2  HOH B O     1 
HETATM 473 O O     . HOH D 2 .  ? 7.704   6.434   -3.723  1.00 30.95 ? 4  HOH B O     1 
HETATM 474 O O     . HOH D 2 .  ? 16.187  10.831  -13.656 1.00 51.98 ? 6  HOH B O     1 
HETATM 475 O O     . HOH D 2 .  ? -10.329 7.278   -1.265  1.00 54.18 ? 7  HOH B O     1 
HETATM 476 O O     . HOH D 2 .  ? -8.988  9.881   4.959   1.00 40.44 ? 10 HOH B O     1 
HETATM 477 O O     . HOH D 2 .  ? -0.492  -2.628  5.660   1.00 45.22 ? 11 HOH B O     1 
HETATM 478 O O     . HOH D 2 .  ? 15.171  -3.940  -1.126  1.00 37.49 ? 12 HOH B O     1 
HETATM 479 O O     . HOH D 2 .  ? 5.950   1.774   -3.530  1.00 53.05 ? 13 HOH B O     1 
HETATM 480 O O     . HOH D 2 .  ? 9.947   -3.090  8.634   1.00 48.39 ? 14 HOH B O     1 
HETATM 481 O O     . HOH D 2 .  ? 14.949  4.074   -3.924  1.00 51.80 ? 31 HOH B O     1 
HETATM 482 O O     . HOH D 2 .  ? -5.983  9.853   8.881   1.00 45.49 ? 32 HOH B O     1 
HETATM 483 O O     . HOH D 2 .  ? -7.701  7.921   -1.258  1.00 42.92 ? 33 HOH B O     1 
HETATM 484 O O     . HOH D 2 .  ? -6.759  3.182   10.409  1.00 52.24 ? 34 HOH B O     1 
HETATM 485 O O     . HOH D 2 .  ? 10.650  -5.364  7.097   1.00 57.14 ? 35 HOH B O     1 
HETATM 486 O O     . HOH D 2 .  ? 7.153   -5.018  -6.867  1.00 45.15 ? 36 HOH B O     1 
HETATM 487 O O     . HOH D 2 .  ? 6.484   -0.409  -9.030  1.00 44.78 ? 37 HOH B O     1 
HETATM 488 O O     . HOH D 2 .  ? 9.084   -2.610  -8.403  1.00 48.18 ? 38 HOH B O     1 
HETATM 489 O O     . HOH D 2 .  ? 13.945  -1.969  -2.563  1.00 42.24 ? 39 HOH B O     1 
HETATM 490 O O     . HOH D 2 .  ? 0.919   -1.381  10.205  1.00 52.02 ? 40 HOH B O     1 
HETATM 491 O O     . HOH D 2 .  ? 11.859  -3.442  -8.114  1.00 57.60 ? 41 HOH B O     1 
HETATM 492 O O     . HOH D 2 .  ? 7.432   -3.500  -2.117  1.00 54.88 ? 42 HOH B O     1 
HETATM 493 O O     . HOH D 2 .  ? -4.161  7.141   4.529   1.00 65.06 ? 43 HOH B O     1 
HETATM 494 O O     . HOH D 2 .  ? 8.175   0.372   -4.867  1.00 65.74 ? 44 HOH B O     1 
# 
loop_
_pdbx_poly_seq_scheme.asym_id 
_pdbx_poly_seq_scheme.entity_id 
_pdbx_poly_seq_scheme.seq_id 
_pdbx_poly_seq_scheme.mon_id 
_pdbx_poly_seq_scheme.ndb_seq_num 
_pdbx_poly_seq_scheme.pdb_seq_num 
_pdbx_poly_seq_scheme.auth_seq_num 
_pdbx_poly_seq_scheme.pdb_mon_id 
_pdbx_poly_seq_scheme.auth_mon_id 
_pdbx_poly_seq_scheme.pdb_strand_id 
_pdbx_poly_seq_scheme.pdb_ins_code 
_pdbx_poly_seq_scheme.hetero 
A 1 1  DT 1  0  0  DT DT A . n 
A 1 2  DG 2  1  1  DG DG A . n 
A 1 3  DG 3  2  2  DG DG A . n 
A 1 4  DC 4  3  3  DC DC A . n 
A 1 5  DC 5  4  4  DC DC A . n 
A 1 6  DT 6  5  5  DT DT A . n 
A 1 7  DT 7  6  6  DT DT A . n 
A 1 8  DA 8  7  7  DA DA A . n 
A 1 9  DA 9  8  8  DA DA A . n 
A 1 10 DG 10 9  9  DG DG A . n 
A 1 11 DG 11 10 10 DG DG A . n 
B 1 1  DT 1  20 20 DT DT B . n 
B 1 2  DG 2  21 21 DG DG B . n 
B 1 3  DG 3  22 22 DG DG B . n 
B 1 4  DC 4  23 23 DC DC B . n 
B 1 5  DC 5  24 24 DC DC B . n 
B 1 6  DT 6  25 25 DT DT B . n 
B 1 7  DT 7  26 26 DT DT B . n 
B 1 8  DA 8  27 27 DA DA B . n 
B 1 9  DA 9  28 28 DA DA B . n 
B 1 10 DG 10 29 29 DG DG B . n 
B 1 11 DG 11 30 30 DG DG B . n 
# 
loop_
_pdbx_nonpoly_scheme.asym_id 
_pdbx_nonpoly_scheme.entity_id 
_pdbx_nonpoly_scheme.mon_id 
_pdbx_nonpoly_scheme.ndb_seq_num 
_pdbx_nonpoly_scheme.pdb_seq_num 
_pdbx_nonpoly_scheme.auth_seq_num 
_pdbx_nonpoly_scheme.pdb_mon_id 
_pdbx_nonpoly_scheme.auth_mon_id 
_pdbx_nonpoly_scheme.pdb_strand_id 
_pdbx_nonpoly_scheme.pdb_ins_code 
C 2 HOH 1  11 1  HOH HOH A . 
C 2 HOH 2  12 3  HOH HOH A . 
C 2 HOH 3  13 5  HOH HOH A . 
C 2 HOH 4  14 8  HOH HOH A . 
C 2 HOH 5  15 15 HOH HOH A . 
C 2 HOH 6  16 16 HOH HOH A . 
C 2 HOH 7  17 17 HOH HOH A . 
C 2 HOH 8  18 18 HOH HOH A . 
C 2 HOH 9  19 19 HOH HOH A . 
C 2 HOH 10 20 20 HOH HOH A . 
C 2 HOH 11 21 9  HOH HOH A . 
C 2 HOH 12 23 23 HOH HOH A . 
C 2 HOH 13 27 27 HOH HOH A . 
C 2 HOH 14 33 33 HOH HOH A . 
C 2 HOH 15 34 34 HOH HOH A . 
C 2 HOH 16 35 35 HOH HOH A . 
C 2 HOH 17 36 36 HOH HOH A . 
C 2 HOH 18 37 37 HOH HOH A . 
C 2 HOH 19 38 38 HOH HOH A . 
C 2 HOH 20 41 41 HOH HOH A . 
C 2 HOH 21 42 42 HOH HOH A . 
D 2 HOH 1  2  2  HOH HOH B . 
D 2 HOH 2  4  4  HOH HOH B . 
D 2 HOH 3  6  6  HOH HOH B . 
D 2 HOH 4  7  7  HOH HOH B . 
D 2 HOH 5  10 10 HOH HOH B . 
D 2 HOH 6  11 11 HOH HOH B . 
D 2 HOH 7  12 12 HOH HOH B . 
D 2 HOH 8  13 13 HOH HOH B . 
D 2 HOH 9  14 14 HOH HOH B . 
D 2 HOH 10 31 31 HOH HOH B . 
D 2 HOH 11 32 32 HOH HOH B . 
D 2 HOH 12 33 21 HOH HOH B . 
D 2 HOH 13 34 22 HOH HOH B . 
D 2 HOH 14 35 24 HOH HOH B . 
D 2 HOH 15 36 25 HOH HOH B . 
D 2 HOH 16 37 26 HOH HOH B . 
D 2 HOH 17 38 28 HOH HOH B . 
D 2 HOH 18 39 39 HOH HOH B . 
D 2 HOH 19 40 40 HOH HOH B . 
D 2 HOH 20 41 29 HOH HOH B . 
D 2 HOH 21 42 30 HOH HOH B . 
D 2 HOH 22 43 43 HOH HOH B . 
D 2 HOH 23 44 44 HOH HOH B . 
# 
_pdbx_struct_assembly.id                   1 
_pdbx_struct_assembly.details              author_and_software_defined_assembly 
_pdbx_struct_assembly.method_details       PISA 
_pdbx_struct_assembly.oligomeric_details   dimeric 
_pdbx_struct_assembly.oligomeric_count     2 
# 
_pdbx_struct_assembly_gen.assembly_id       1 
_pdbx_struct_assembly_gen.oper_expression   1 
_pdbx_struct_assembly_gen.asym_id_list      A,B,C,D 
# 
loop_
_pdbx_struct_assembly_prop.biol_id 
_pdbx_struct_assembly_prop.type 
_pdbx_struct_assembly_prop.value 
_pdbx_struct_assembly_prop.details 
1 'ABSA (A^2)' 770  ? 
1 MORE         -5   ? 
1 'SSA (A^2)'  4710 ? 
# 
_pdbx_struct_oper_list.id                   1 
_pdbx_struct_oper_list.type                 'identity operation' 
_pdbx_struct_oper_list.name                 1_555 
_pdbx_struct_oper_list.symmetry_operation   x,y,z 
_pdbx_struct_oper_list.matrix[1][1]         1.0000000000 
_pdbx_struct_oper_list.matrix[1][2]         0.0000000000 
_pdbx_struct_oper_list.matrix[1][3]         0.0000000000 
_pdbx_struct_oper_list.vector[1]            0.0000000000 
_pdbx_struct_oper_list.matrix[2][1]         0.0000000000 
_pdbx_struct_oper_list.matrix[2][2]         1.0000000000 
_pdbx_struct_oper_list.matrix[2][3]         0.0000000000 
_pdbx_struct_oper_list.vector[2]            0.0000000000 
_pdbx_struct_oper_list.matrix[3][1]         0.0000000000 
_pdbx_struct_oper_list.matrix[3][2]         0.0000000000 
_pdbx_struct_oper_list.matrix[3][3]         1.0000000000 
_pdbx_struct_oper_list.vector[3]            0.0000000000 
# 
loop_
_pdbx_audit_revision_history.ordinal 
_pdbx_audit_revision_history.data_content_type 
_pdbx_audit_revision_history.major_revision 
_pdbx_audit_revision_history.minor_revision 
_pdbx_audit_revision_history.revision_date 
1 'Structure model' 1 0 2010-10-27 
2 'Structure model' 1 1 2011-07-13 
3 'Structure model' 1 2 2023-11-01 
# 
_pdbx_audit_revision_details.ordinal             1 
_pdbx_audit_revision_details.revision_ordinal    1 
_pdbx_audit_revision_details.data_content_type   'Structure model' 
_pdbx_audit_revision_details.provider            repository 
_pdbx_audit_revision_details.type                'Initial release' 
_pdbx_audit_revision_details.description         ? 
_pdbx_audit_revision_details.details             ? 
# 
loop_
_pdbx_audit_revision_group.ordinal 
_pdbx_audit_revision_group.revision_ordinal 
_pdbx_audit_revision_group.data_content_type 
_pdbx_audit_revision_group.group 
1 2 'Structure model' 'Version format compliance' 
2 3 'Structure model' 'Data collection'           
3 3 'Structure model' 'Database references'       
4 3 'Structure model' 'Refinement description'    
# 
loop_
_pdbx_audit_revision_category.ordinal 
_pdbx_audit_revision_category.revision_ordinal 
_pdbx_audit_revision_category.data_content_type 
_pdbx_audit_revision_category.category 
1 3 'Structure model' chem_comp_atom                
2 3 'Structure model' chem_comp_bond                
3 3 'Structure model' database_2                    
4 3 'Structure model' diffrn_source                 
5 3 'Structure model' pdbx_initial_refinement_model 
# 
loop_
_pdbx_audit_revision_item.ordinal 
_pdbx_audit_revision_item.revision_ordinal 
_pdbx_audit_revision_item.data_content_type 
_pdbx_audit_revision_item.item 
1 3 'Structure model' '_database_2.pdbx_DOI'                 
2 3 'Structure model' '_database_2.pdbx_database_accession'  
3 3 'Structure model' '_diffrn_source.pdbx_synchrotron_site' 
# 
loop_
_software.name 
_software.classification 
_software.version 
_software.citation_id 
_software.pdbx_ordinal 
MAR345dtb 'data collection' .        ? 1 
PHASER    phasing           .        ? 2 
REFMAC    refinement        5.5.0072 ? 3 
MOSFLM    'data reduction'  .        ? 4 
SCALA     'data scaling'    .        ? 5 
# 
_pdbx_validate_rmsd_bond.id                        1 
_pdbx_validate_rmsd_bond.PDB_model_num             1 
_pdbx_validate_rmsd_bond.auth_atom_id_1            "O3'" 
_pdbx_validate_rmsd_bond.auth_asym_id_1            A 
_pdbx_validate_rmsd_bond.auth_comp_id_1            DC 
_pdbx_validate_rmsd_bond.auth_seq_id_1             3 
_pdbx_validate_rmsd_bond.PDB_ins_code_1            ? 
_pdbx_validate_rmsd_bond.label_alt_id_1            ? 
_pdbx_validate_rmsd_bond.auth_atom_id_2            "C3'" 
_pdbx_validate_rmsd_bond.auth_asym_id_2            A 
_pdbx_validate_rmsd_bond.auth_comp_id_2            DC 
_pdbx_validate_rmsd_bond.auth_seq_id_2             3 
_pdbx_validate_rmsd_bond.PDB_ins_code_2            ? 
_pdbx_validate_rmsd_bond.label_alt_id_2            ? 
_pdbx_validate_rmsd_bond.bond_value                1.365 
_pdbx_validate_rmsd_bond.bond_target_value         1.419 
_pdbx_validate_rmsd_bond.bond_deviation            -0.054 
_pdbx_validate_rmsd_bond.bond_standard_deviation   0.006 
_pdbx_validate_rmsd_bond.linker_flag               N 
# 
loop_
_pdbx_validate_rmsd_angle.id 
_pdbx_validate_rmsd_angle.PDB_model_num 
_pdbx_validate_rmsd_angle.auth_atom_id_1 
_pdbx_validate_rmsd_angle.auth_asym_id_1 
_pdbx_validate_rmsd_angle.auth_comp_id_1 
_pdbx_validate_rmsd_angle.auth_seq_id_1 
_pdbx_validate_rmsd_angle.PDB_ins_code_1 
_pdbx_validate_rmsd_angle.label_alt_id_1 
_pdbx_validate_rmsd_angle.auth_atom_id_2 
_pdbx_validate_rmsd_angle.auth_asym_id_2 
_pdbx_validate_rmsd_angle.auth_comp_id_2 
_pdbx_validate_rmsd_angle.auth_seq_id_2 
_pdbx_validate_rmsd_angle.PDB_ins_code_2 
_pdbx_validate_rmsd_angle.label_alt_id_2 
_pdbx_validate_rmsd_angle.auth_atom_id_3 
_pdbx_validate_rmsd_angle.auth_asym_id_3 
_pdbx_validate_rmsd_angle.auth_comp_id_3 
_pdbx_validate_rmsd_angle.auth_seq_id_3 
_pdbx_validate_rmsd_angle.PDB_ins_code_3 
_pdbx_validate_rmsd_angle.label_alt_id_3 
_pdbx_validate_rmsd_angle.angle_value 
_pdbx_validate_rmsd_angle.angle_target_value 
_pdbx_validate_rmsd_angle.angle_deviation 
_pdbx_validate_rmsd_angle.angle_standard_deviation 
_pdbx_validate_rmsd_angle.linker_flag 
1  1 "O4'" A DT 0  ? ? "C4'" A DT 0  ? ? "C3'" A DT 0  ? ? 101.26 104.50 -3.24  0.40 N 
2  1 C2    A DT 0  ? ? N3    A DT 0  ? ? C4    A DT 0  ? ? 131.04 127.20 3.84   0.60 N 
3  1 "O4'" A DG 2  ? ? "C1'" A DG 2  ? ? N9    A DG 2  ? ? 110.74 108.30 2.44   0.30 N 
4  1 N1    A DG 2  ? ? C2    A DG 2  ? ? N3    A DG 2  ? ? 120.28 123.90 -3.62  0.60 N 
5  1 "O5'" A DC 3  ? ? "C5'" A DC 3  ? ? "C4'" A DC 3  ? ? 103.83 109.40 -5.57  0.80 N 
6  1 "O4'" A DC 4  ? ? "C1'" A DC 4  ? ? N1    A DC 4  ? ? 114.64 108.30 6.34   0.30 N 
7  1 "O4'" A DT 5  ? ? "C1'" A DT 5  ? ? N1    A DT 5  ? ? 111.38 108.30 3.08   0.30 N 
8  1 C6    A DT 5  ? ? C5    A DT 5  ? ? C7    A DT 5  ? ? 118.82 122.90 -4.08  0.60 N 
9  1 N3    A DT 6  ? ? C2    A DT 6  ? ? O2    A DT 6  ? ? 118.52 122.30 -3.78  0.60 N 
10 1 "O4'" A DA 7  ? ? "C1'" A DA 7  ? ? N9    A DA 7  ? ? 100.51 108.00 -7.49  0.70 N 
11 1 "O4'" A DA 8  ? ? "C1'" A DA 8  ? ? N9    A DA 8  ? ? 111.18 108.30 2.88   0.30 N 
12 1 N1    A DA 8  ? ? C2    A DA 8  ? ? N3    A DA 8  ? ? 126.25 129.30 -3.05  0.50 N 
13 1 C2    A DA 8  ? ? N3    A DA 8  ? ? C4    A DA 8  ? ? 113.75 110.60 3.15   0.50 N 
14 1 N3    A DG 9  ? ? C2    A DG 9  ? ? N2    A DG 9  ? ? 115.37 119.90 -4.53  0.70 N 
15 1 "O3'" A DG 9  ? ? P     A DG 10 ? ? "O5'" A DG 10 ? ? 92.19  104.00 -11.81 1.90 Y 
16 1 C5    A DG 10 ? ? C6    A DG 10 ? ? N1    A DG 10 ? ? 115.36 111.50 3.86   0.50 N 
17 1 N3    B DT 20 ? ? C2    B DT 20 ? ? O2    B DT 20 ? ? 118.36 122.30 -3.94  0.60 N 
18 1 C4    B DT 20 ? ? C5    B DT 20 ? ? C7    B DT 20 ? ? 123.18 119.00 4.18   0.60 N 
19 1 C6    B DT 20 ? ? C5    B DT 20 ? ? C7    B DT 20 ? ? 119.22 122.90 -3.68  0.60 N 
20 1 "O4'" B DG 22 ? ? "C1'" B DG 22 ? ? N9    B DG 22 ? ? 114.25 108.30 5.95   0.30 N 
21 1 "C3'" B DG 22 ? ? "O3'" B DG 22 ? ? P     B DC 23 ? ? 133.12 119.70 13.42  1.20 Y 
22 1 "O4'" B DC 23 ? ? "C1'" B DC 23 ? ? N1    B DC 23 ? ? 114.05 108.30 5.75   0.30 N 
23 1 "C3'" B DC 23 ? ? "O3'" B DC 23 ? ? P     B DC 24 ? ? 133.29 119.70 13.59  1.20 Y 
24 1 N3    B DT 25 ? ? C2    B DT 25 ? ? O2    B DT 25 ? ? 118.54 122.30 -3.76  0.60 N 
25 1 N1    B DA 27 ? ? C6    B DA 27 ? ? N6    B DA 27 ? ? 114.88 118.60 -3.72  0.60 N 
26 1 "C3'" B DA 28 ? ? "C2'" B DA 28 ? ? "C1'" B DA 28 ? ? 94.97  102.40 -7.43  0.80 N 
27 1 "O4'" B DA 28 ? ? "C1'" B DA 28 ? ? N9    B DA 28 ? ? 110.65 108.30 2.35   0.30 N 
28 1 "O4'" B DG 30 ? ? "C1'" B DG 30 ? ? N9    B DG 30 ? ? 113.83 108.30 5.53   0.30 N 
29 1 N1    B DG 30 ? ? C6    B DG 30 ? ? O6    B DG 30 ? ? 114.98 119.90 -4.92  0.60 N 
30 1 C5    B DG 30 ? ? C6    B DG 30 ? ? O6    B DG 30 ? ? 132.34 128.60 3.74   0.60 N 
# 
loop_
_chem_comp_atom.comp_id 
_chem_comp_atom.atom_id 
_chem_comp_atom.type_symbol 
_chem_comp_atom.pdbx_aromatic_flag 
_chem_comp_atom.pdbx_stereo_config 
_chem_comp_atom.pdbx_ordinal 
DA  OP3    O N N 1   
DA  P      P N N 2   
DA  OP1    O N N 3   
DA  OP2    O N N 4   
DA  "O5'"  O N N 5   
DA  "C5'"  C N N 6   
DA  "C4'"  C N R 7   
DA  "O4'"  O N N 8   
DA  "C3'"  C N S 9   
DA  "O3'"  O N N 10  
DA  "C2'"  C N N 11  
DA  "C1'"  C N R 12  
DA  N9     N Y N 13  
DA  C8     C Y N 14  
DA  N7     N Y N 15  
DA  C5     C Y N 16  
DA  C6     C Y N 17  
DA  N6     N N N 18  
DA  N1     N Y N 19  
DA  C2     C Y N 20  
DA  N3     N Y N 21  
DA  C4     C Y N 22  
DA  HOP3   H N N 23  
DA  HOP2   H N N 24  
DA  "H5'"  H N N 25  
DA  "H5''" H N N 26  
DA  "H4'"  H N N 27  
DA  "H3'"  H N N 28  
DA  "HO3'" H N N 29  
DA  "H2'"  H N N 30  
DA  "H2''" H N N 31  
DA  "H1'"  H N N 32  
DA  H8     H N N 33  
DA  H61    H N N 34  
DA  H62    H N N 35  
DA  H2     H N N 36  
DC  OP3    O N N 37  
DC  P      P N N 38  
DC  OP1    O N N 39  
DC  OP2    O N N 40  
DC  "O5'"  O N N 41  
DC  "C5'"  C N N 42  
DC  "C4'"  C N R 43  
DC  "O4'"  O N N 44  
DC  "C3'"  C N S 45  
DC  "O3'"  O N N 46  
DC  "C2'"  C N N 47  
DC  "C1'"  C N R 48  
DC  N1     N N N 49  
DC  C2     C N N 50  
DC  O2     O N N 51  
DC  N3     N N N 52  
DC  C4     C N N 53  
DC  N4     N N N 54  
DC  C5     C N N 55  
DC  C6     C N N 56  
DC  HOP3   H N N 57  
DC  HOP2   H N N 58  
DC  "H5'"  H N N 59  
DC  "H5''" H N N 60  
DC  "H4'"  H N N 61  
DC  "H3'"  H N N 62  
DC  "HO3'" H N N 63  
DC  "H2'"  H N N 64  
DC  "H2''" H N N 65  
DC  "H1'"  H N N 66  
DC  H41    H N N 67  
DC  H42    H N N 68  
DC  H5     H N N 69  
DC  H6     H N N 70  
DG  OP3    O N N 71  
DG  P      P N N 72  
DG  OP1    O N N 73  
DG  OP2    O N N 74  
DG  "O5'"  O N N 75  
DG  "C5'"  C N N 76  
DG  "C4'"  C N R 77  
DG  "O4'"  O N N 78  
DG  "C3'"  C N S 79  
DG  "O3'"  O N N 80  
DG  "C2'"  C N N 81  
DG  "C1'"  C N R 82  
DG  N9     N Y N 83  
DG  C8     C Y N 84  
DG  N7     N Y N 85  
DG  C5     C Y N 86  
DG  C6     C N N 87  
DG  O6     O N N 88  
DG  N1     N N N 89  
DG  C2     C N N 90  
DG  N2     N N N 91  
DG  N3     N N N 92  
DG  C4     C Y N 93  
DG  HOP3   H N N 94  
DG  HOP2   H N N 95  
DG  "H5'"  H N N 96  
DG  "H5''" H N N 97  
DG  "H4'"  H N N 98  
DG  "H3'"  H N N 99  
DG  "HO3'" H N N 100 
DG  "H2'"  H N N 101 
DG  "H2''" H N N 102 
DG  "H1'"  H N N 103 
DG  H8     H N N 104 
DG  H1     H N N 105 
DG  H21    H N N 106 
DG  H22    H N N 107 
DT  OP3    O N N 108 
DT  P      P N N 109 
DT  OP1    O N N 110 
DT  OP2    O N N 111 
DT  "O5'"  O N N 112 
DT  "C5'"  C N N 113 
DT  "C4'"  C N R 114 
DT  "O4'"  O N N 115 
DT  "C3'"  C N S 116 
DT  "O3'"  O N N 117 
DT  "C2'"  C N N 118 
DT  "C1'"  C N R 119 
DT  N1     N N N 120 
DT  C2     C N N 121 
DT  O2     O N N 122 
DT  N3     N N N 123 
DT  C4     C N N 124 
DT  O4     O N N 125 
DT  C5     C N N 126 
DT  C7     C N N 127 
DT  C6     C N N 128 
DT  HOP3   H N N 129 
DT  HOP2   H N N 130 
DT  "H5'"  H N N 131 
DT  "H5''" H N N 132 
DT  "H4'"  H N N 133 
DT  "H3'"  H N N 134 
DT  "HO3'" H N N 135 
DT  "H2'"  H N N 136 
DT  "H2''" H N N 137 
DT  "H1'"  H N N 138 
DT  H3     H N N 139 
DT  H71    H N N 140 
DT  H72    H N N 141 
DT  H73    H N N 142 
DT  H6     H N N 143 
HOH O      O N N 144 
HOH H1     H N N 145 
HOH H2     H N N 146 
# 
loop_
_chem_comp_bond.comp_id 
_chem_comp_bond.atom_id_1 
_chem_comp_bond.atom_id_2 
_chem_comp_bond.value_order 
_chem_comp_bond.pdbx_aromatic_flag 
_chem_comp_bond.pdbx_stereo_config 
_chem_comp_bond.pdbx_ordinal 
DA  OP3   P      sing N N 1   
DA  OP3   HOP3   sing N N 2   
DA  P     OP1    doub N N 3   
DA  P     OP2    sing N N 4   
DA  P     "O5'"  sing N N 5   
DA  OP2   HOP2   sing N N 6   
DA  "O5'" "C5'"  sing N N 7   
DA  "C5'" "C4'"  sing N N 8   
DA  "C5'" "H5'"  sing N N 9   
DA  "C5'" "H5''" sing N N 10  
DA  "C4'" "O4'"  sing N N 11  
DA  "C4'" "C3'"  sing N N 12  
DA  "C4'" "H4'"  sing N N 13  
DA  "O4'" "C1'"  sing N N 14  
DA  "C3'" "O3'"  sing N N 15  
DA  "C3'" "C2'"  sing N N 16  
DA  "C3'" "H3'"  sing N N 17  
DA  "O3'" "HO3'" sing N N 18  
DA  "C2'" "C1'"  sing N N 19  
DA  "C2'" "H2'"  sing N N 20  
DA  "C2'" "H2''" sing N N 21  
DA  "C1'" N9     sing N N 22  
DA  "C1'" "H1'"  sing N N 23  
DA  N9    C8     sing Y N 24  
DA  N9    C4     sing Y N 25  
DA  C8    N7     doub Y N 26  
DA  C8    H8     sing N N 27  
DA  N7    C5     sing Y N 28  
DA  C5    C6     sing Y N 29  
DA  C5    C4     doub Y N 30  
DA  C6    N6     sing N N 31  
DA  C6    N1     doub Y N 32  
DA  N6    H61    sing N N 33  
DA  N6    H62    sing N N 34  
DA  N1    C2     sing Y N 35  
DA  C2    N3     doub Y N 36  
DA  C2    H2     sing N N 37  
DA  N3    C4     sing Y N 38  
DC  OP3   P      sing N N 39  
DC  OP3   HOP3   sing N N 40  
DC  P     OP1    doub N N 41  
DC  P     OP2    sing N N 42  
DC  P     "O5'"  sing N N 43  
DC  OP2   HOP2   sing N N 44  
DC  "O5'" "C5'"  sing N N 45  
DC  "C5'" "C4'"  sing N N 46  
DC  "C5'" "H5'"  sing N N 47  
DC  "C5'" "H5''" sing N N 48  
DC  "C4'" "O4'"  sing N N 49  
DC  "C4'" "C3'"  sing N N 50  
DC  "C4'" "H4'"  sing N N 51  
DC  "O4'" "C1'"  sing N N 52  
DC  "C3'" "O3'"  sing N N 53  
DC  "C3'" "C2'"  sing N N 54  
DC  "C3'" "H3'"  sing N N 55  
DC  "O3'" "HO3'" sing N N 56  
DC  "C2'" "C1'"  sing N N 57  
DC  "C2'" "H2'"  sing N N 58  
DC  "C2'" "H2''" sing N N 59  
DC  "C1'" N1     sing N N 60  
DC  "C1'" "H1'"  sing N N 61  
DC  N1    C2     sing N N 62  
DC  N1    C6     sing N N 63  
DC  C2    O2     doub N N 64  
DC  C2    N3     sing N N 65  
DC  N3    C4     doub N N 66  
DC  C4    N4     sing N N 67  
DC  C4    C5     sing N N 68  
DC  N4    H41    sing N N 69  
DC  N4    H42    sing N N 70  
DC  C5    C6     doub N N 71  
DC  C5    H5     sing N N 72  
DC  C6    H6     sing N N 73  
DG  OP3   P      sing N N 74  
DG  OP3   HOP3   sing N N 75  
DG  P     OP1    doub N N 76  
DG  P     OP2    sing N N 77  
DG  P     "O5'"  sing N N 78  
DG  OP2   HOP2   sing N N 79  
DG  "O5'" "C5'"  sing N N 80  
DG  "C5'" "C4'"  sing N N 81  
DG  "C5'" "H5'"  sing N N 82  
DG  "C5'" "H5''" sing N N 83  
DG  "C4'" "O4'"  sing N N 84  
DG  "C4'" "C3'"  sing N N 85  
DG  "C4'" "H4'"  sing N N 86  
DG  "O4'" "C1'"  sing N N 87  
DG  "C3'" "O3'"  sing N N 88  
DG  "C3'" "C2'"  sing N N 89  
DG  "C3'" "H3'"  sing N N 90  
DG  "O3'" "HO3'" sing N N 91  
DG  "C2'" "C1'"  sing N N 92  
DG  "C2'" "H2'"  sing N N 93  
DG  "C2'" "H2''" sing N N 94  
DG  "C1'" N9     sing N N 95  
DG  "C1'" "H1'"  sing N N 96  
DG  N9    C8     sing Y N 97  
DG  N9    C4     sing Y N 98  
DG  C8    N7     doub Y N 99  
DG  C8    H8     sing N N 100 
DG  N7    C5     sing Y N 101 
DG  C5    C6     sing N N 102 
DG  C5    C4     doub Y N 103 
DG  C6    O6     doub N N 104 
DG  C6    N1     sing N N 105 
DG  N1    C2     sing N N 106 
DG  N1    H1     sing N N 107 
DG  C2    N2     sing N N 108 
DG  C2    N3     doub N N 109 
DG  N2    H21    sing N N 110 
DG  N2    H22    sing N N 111 
DG  N3    C4     sing N N 112 
DT  OP3   P      sing N N 113 
DT  OP3   HOP3   sing N N 114 
DT  P     OP1    doub N N 115 
DT  P     OP2    sing N N 116 
DT  P     "O5'"  sing N N 117 
DT  OP2   HOP2   sing N N 118 
DT  "O5'" "C5'"  sing N N 119 
DT  "C5'" "C4'"  sing N N 120 
DT  "C5'" "H5'"  sing N N 121 
DT  "C5'" "H5''" sing N N 122 
DT  "C4'" "O4'"  sing N N 123 
DT  "C4'" "C3'"  sing N N 124 
DT  "C4'" "H4'"  sing N N 125 
DT  "O4'" "C1'"  sing N N 126 
DT  "C3'" "O3'"  sing N N 127 
DT  "C3'" "C2'"  sing N N 128 
DT  "C3'" "H3'"  sing N N 129 
DT  "O3'" "HO3'" sing N N 130 
DT  "C2'" "C1'"  sing N N 131 
DT  "C2'" "H2'"  sing N N 132 
DT  "C2'" "H2''" sing N N 133 
DT  "C1'" N1     sing N N 134 
DT  "C1'" "H1'"  sing N N 135 
DT  N1    C2     sing N N 136 
DT  N1    C6     sing N N 137 
DT  C2    O2     doub N N 138 
DT  C2    N3     sing N N 139 
DT  N3    C4     sing N N 140 
DT  N3    H3     sing N N 141 
DT  C4    O4     doub N N 142 
DT  C4    C5     sing N N 143 
DT  C5    C7     sing N N 144 
DT  C5    C6     doub N N 145 
DT  C7    H71    sing N N 146 
DT  C7    H72    sing N N 147 
DT  C7    H73    sing N N 148 
DT  C6    H6     sing N N 149 
HOH O     H1     sing N N 150 
HOH O     H2     sing N N 151 
# 
_ndb_struct_conf_na.entry_id   3L1Q 
_ndb_struct_conf_na.feature    'b-form double helix' 
# 
loop_
_ndb_struct_na_base_pair.model_number 
_ndb_struct_na_base_pair.i_label_asym_id 
_ndb_struct_na_base_pair.i_label_comp_id 
_ndb_struct_na_base_pair.i_label_seq_id 
_ndb_struct_na_base_pair.i_symmetry 
_ndb_struct_na_base_pair.j_label_asym_id 
_ndb_struct_na_base_pair.j_label_comp_id 
_ndb_struct_na_base_pair.j_label_seq_id 
_ndb_struct_na_base_pair.j_symmetry 
_ndb_struct_na_base_pair.shear 
_ndb_struct_na_base_pair.stretch 
_ndb_struct_na_base_pair.stagger 
_ndb_struct_na_base_pair.buckle 
_ndb_struct_na_base_pair.propeller 
_ndb_struct_na_base_pair.opening 
_ndb_struct_na_base_pair.pair_number 
_ndb_struct_na_base_pair.pair_name 
_ndb_struct_na_base_pair.i_auth_asym_id 
_ndb_struct_na_base_pair.i_auth_seq_id 
_ndb_struct_na_base_pair.i_PDB_ins_code 
_ndb_struct_na_base_pair.j_auth_asym_id 
_ndb_struct_na_base_pair.j_auth_seq_id 
_ndb_struct_na_base_pair.j_PDB_ins_code 
_ndb_struct_na_base_pair.hbond_type_28 
_ndb_struct_na_base_pair.hbond_type_12 
1 A DC 4  1_555 B DG 11 1_555 0.215  -0.082 -0.541 12.166 -14.972 1.890  1 A_DC3:DG30_B  A 3  ? B 30 ? 19 1 
1 A DC 5  1_555 B DG 10 1_555 -0.121 -0.141 -0.468 14.129 -18.715 -2.440 2 A_DC4:DG29_B  A 4  ? B 29 ? 19 1 
1 A DT 6  1_555 B DA 9  1_555 0.370  -0.035 0.234  4.925  -20.877 5.735  3 A_DT5:DA28_B  A 5  ? B 28 ? 20 1 
1 A DT 7  1_555 B DA 8  1_555 -0.083 0.213  -0.404 10.736 -18.273 5.555  4 A_DT6:DA27_B  A 6  ? B 27 ? 20 1 
1 A DA 8  1_555 B DT 7  1_555 0.073  -0.270 0.070  3.439  -19.103 5.940  5 A_DA7:DT26_B  A 7  ? B 26 ? 20 1 
1 A DA 9  1_555 B DT 6  1_555 0.272  -0.141 0.363  4.479  -19.582 -0.724 6 A_DA8:DT25_B  A 8  ? B 25 ? 20 1 
1 A DG 10 1_555 B DC 5  1_555 -0.383 -0.127 -0.147 -2.613 -12.717 -6.624 7 A_DG9:DC24_B  A 9  ? B 24 ? 19 1 
1 A DG 11 1_555 B DC 4  1_555 0.480  -0.022 0.077  -2.972 -13.009 -2.118 8 A_DG10:DC23_B A 10 ? B 23 ? 19 1 
# 
loop_
_ndb_struct_na_base_pair_step.model_number 
_ndb_struct_na_base_pair_step.i_label_asym_id_1 
_ndb_struct_na_base_pair_step.i_label_comp_id_1 
_ndb_struct_na_base_pair_step.i_label_seq_id_1 
_ndb_struct_na_base_pair_step.i_symmetry_1 
_ndb_struct_na_base_pair_step.j_label_asym_id_1 
_ndb_struct_na_base_pair_step.j_label_comp_id_1 
_ndb_struct_na_base_pair_step.j_label_seq_id_1 
_ndb_struct_na_base_pair_step.j_symmetry_1 
_ndb_struct_na_base_pair_step.i_label_asym_id_2 
_ndb_struct_na_base_pair_step.i_label_comp_id_2 
_ndb_struct_na_base_pair_step.i_label_seq_id_2 
_ndb_struct_na_base_pair_step.i_symmetry_2 
_ndb_struct_na_base_pair_step.j_label_asym_id_2 
_ndb_struct_na_base_pair_step.j_label_comp_id_2 
_ndb_struct_na_base_pair_step.j_label_seq_id_2 
_ndb_struct_na_base_pair_step.j_symmetry_2 
_ndb_struct_na_base_pair_step.shift 
_ndb_struct_na_base_pair_step.slide 
_ndb_struct_na_base_pair_step.rise 
_ndb_struct_na_base_pair_step.tilt 
_ndb_struct_na_base_pair_step.roll 
_ndb_struct_na_base_pair_step.twist 
_ndb_struct_na_base_pair_step.x_displacement 
_ndb_struct_na_base_pair_step.y_displacement 
_ndb_struct_na_base_pair_step.helical_rise 
_ndb_struct_na_base_pair_step.inclination 
_ndb_struct_na_base_pair_step.tip 
_ndb_struct_na_base_pair_step.helical_twist 
_ndb_struct_na_base_pair_step.step_number 
_ndb_struct_na_base_pair_step.step_name 
_ndb_struct_na_base_pair_step.i_auth_asym_id_1 
_ndb_struct_na_base_pair_step.i_auth_seq_id_1 
_ndb_struct_na_base_pair_step.i_PDB_ins_code_1 
_ndb_struct_na_base_pair_step.j_auth_asym_id_1 
_ndb_struct_na_base_pair_step.j_auth_seq_id_1 
_ndb_struct_na_base_pair_step.j_PDB_ins_code_1 
_ndb_struct_na_base_pair_step.i_auth_asym_id_2 
_ndb_struct_na_base_pair_step.i_auth_seq_id_2 
_ndb_struct_na_base_pair_step.i_PDB_ins_code_2 
_ndb_struct_na_base_pair_step.j_auth_asym_id_2 
_ndb_struct_na_base_pair_step.j_auth_seq_id_2 
_ndb_struct_na_base_pair_step.j_PDB_ins_code_2 
1 A DC 4  1_555 B DG 11 1_555 A DC 5  1_555 B DG 10 1_555 -0.179 -0.101 3.379 1.871  7.376  24.792 -2.322 0.931  3.194 16.685 
-4.232  25.916 1 AA_DC3DC4:DG29DG30_BB  A 3 ? B 30 ? A 4  ? B 29 ? 
1 A DC 5  1_555 B DG 10 1_555 A DT 6  1_555 B DA 9  1_555 1.071  -0.257 3.522 0.490  4.750  43.456 -0.833 -1.389 3.488 6.392  
-0.660  43.705 2 AA_DC4DT5:DA28DG29_BB  A 4 ? B 29 ? A 5  ? B 28 ? 
1 A DT 6  1_555 B DA 9  1_555 A DT 7  1_555 B DA 8  1_555 -0.205 0.099  3.013 6.214  1.517  32.350 -0.062 1.330  2.925 2.690  
-11.018 32.959 3 AA_DT5DT6:DA27DA28_BB  A 5 ? B 28 ? A 6  ? B 27 ? 
1 A DT 7  1_555 B DA 8  1_555 A DA 8  1_555 B DT 7  1_555 0.155  0.574  3.485 -1.133 3.571  39.649 0.399  -0.369 3.516 5.251  
1.666   39.818 4 AA_DT6DA7:DT26DA27_BB  A 6 ? B 27 ? A 7  ? B 26 ? 
1 A DA 8  1_555 B DT 7  1_555 A DA 9  1_555 B DT 6  1_555 -0.172 -0.160 3.099 -2.710 -0.058 36.179 -0.249 -0.084 3.103 -0.093 
4.356   36.277 5 AA_DA7DA8:DT25DT26_BB  A 7 ? B 26 ? A 8  ? B 25 ? 
1 A DA 9  1_555 B DT 6  1_555 A DG 10 1_555 B DC 5  1_555 -0.241 -0.775 3.329 1.846  3.603  30.788 -2.141 0.805  3.200 6.750  
-3.459  31.047 6 AA_DA8DG9:DC24DT25_BB  A 8 ? B 25 ? A 9  ? B 24 ? 
1 A DG 10 1_555 B DC 5  1_555 A DG 11 1_555 B DC 4  1_555 0.326  -0.426 3.409 -0.083 4.700  37.606 -1.279 -0.513 3.333 7.255  
0.129   37.888 7 AA_DG9DG10:DC23DC24_BB A 9 ? B 24 ? A 10 ? B 23 ? 
# 
_pdbx_entity_nonpoly.entity_id   2 
_pdbx_entity_nonpoly.name        water 
_pdbx_entity_nonpoly.comp_id     HOH 
# 
_pdbx_initial_refinement_model.id               1 
_pdbx_initial_refinement_model.entity_id_list   ? 
_pdbx_initial_refinement_model.type             'experimental model' 
_pdbx_initial_refinement_model.source_name      PDB 
_pdbx_initial_refinement_model.accession_code   431D 
_pdbx_initial_refinement_model.details          'PDB ENTRY 431D' 
# 
